data_3I5F
#
_entry.id   3I5F
#
_cell.length_a   187.415
_cell.length_b   101.687
_cell.length_c   94.751
_cell.angle_alpha   90.00
_cell.angle_beta   119.75
_cell.angle_gamma   90.00
#
_symmetry.space_group_name_H-M   'C 1 2 1'
#
loop_
_entity.id
_entity.type
_entity.pdbx_description
1 polymer 'Myosin heavy chain isoform A'
2 polymer 'Myosin regulatory light chain LC-2, mantle muscle'
3 polymer 'Myosin catalytic light chain LC-1, mantle muscle'
4 non-polymer 'MAGNESIUM ION'
5 non-polymer "ADENOSINE-5'-DIPHOSPHATE"
#
loop_
_entity_poly.entity_id
_entity_poly.type
_entity_poly.pdbx_seq_one_letter_code
_entity_poly.pdbx_strand_id
1 'polypeptide(L)'
;MTMDFSDPDMEFLCLTRQKLMEATSIPFDGKKNCWVPDPDFGFVGAEIQSTKGDEVTVKTDKTQETRVVKKDDIGQRNPP
KFEMNMDMANLTFLNEASILHNLRSRYESGFIYTYSGLFCIAINPYRRLPIYTQGLVDKYRGKRRAEMPPHLFSIADNAY
QYMLQDRENQSMLITGESGAGKTENTKKVIQYFALVAASLAGKKDKKEEEKKKDEKKGTLEDQIVQCNPVLEAYGNAKTT
RNNNSSRFGKFIRIHFGTQGKIAGADIETYLLEKSRVTYQQSAERNYHIFYQLLSPAFPENIEKILAVPDPGLYGFINQG
TLTVDGIDDEEEMGLTDTAFDVLGFTDEEKLSMYKCTGCILHLGEMKWKQRGEQAEADGTAEAEKVAFLLGVNAGDLLKC
LLKPKIKVGTEYVTQGRNKDQVTNSIAALAKSLYDRMFNWLVRRVNQTLDTKAKRQFFIGVLDIAGFEIFDFNSFEQLCI
NYTNERLQQFFNHHMFVLEQEEYKKEGIVWEFIDFGLDLQACIELIEKPMGILSILEEECMFPKASDTSFKNKLYDNHLG
KNPMFGKPKPPKAGCAEAHFCLHHYAGSVSYSIAGWLDKNKDPINENVVELLQNSKEPIVKMLFTPPRILTPGGKKKKGK
SAAFQTISSVHKESLNKLMKNLYSTHPHFVRCIIPNELKTPGLIDAALVLHQLRCNGVLEGIRICRKGFPNRIIYSEFKQ
RYSILAPNAVPSGFADGKVVTDKALSALQLDPNEYRLGNTKVFFKAGVLGMLEDMRDERLSKIISMFQAHIRGYLMRKAY
KKLQDQRIGLTLIQRNVRKWLVLRNWEWWRLFNKVKPLL
;
A
2 'polypeptide(L)'
;AEEAPRRVKLSQRQMQELKEAFTMIDQDRDGFIGMEDLKDMFSSLGRVPPDDELNAMLKECPGQLNFTAFLTLFGEKVSG
TDPEDALRNAFSMFDEDGQGFIPEDYLKDLLENMGDNFSKEEIKNVWKDAPLKNKQFNYNKMVDIKGKAEDED
;
B
3 'polypeptide(L)'
;SQLTKDEIEEVREVFDLFDFWDGRDGDVDAAKVGDLLRCLGMNPTEAQVHQHGGTKKMGEKAYKLEEILPIYEEMSSKDT
GTAADEFMEAFKTFDREGQGLISSAEIRNVLKMLGERITEDQCNDIFTFCDIREDIDGNIKYEDLMKKVMAGPFPDKSD
;
C
#
# COMPACT_ATOMS: atom_id res chain seq x y z
N MET A 1 -10.21 -3.21 -0.83
CA MET A 1 -10.77 -2.55 -2.04
C MET A 1 -11.68 -3.51 -2.81
N THR A 2 -12.50 -4.29 -2.11
CA THR A 2 -13.38 -5.22 -2.83
C THR A 2 -14.57 -5.96 -2.18
N MET A 3 -15.76 -5.62 -2.70
CA MET A 3 -17.10 -6.11 -2.32
C MET A 3 -17.26 -6.56 -0.86
N ASP A 4 -17.96 -5.73 -0.10
CA ASP A 4 -18.22 -5.89 1.33
C ASP A 4 -16.93 -6.11 2.08
N PHE A 5 -16.14 -5.03 2.10
CA PHE A 5 -14.84 -4.98 2.75
C PHE A 5 -14.94 -5.58 4.18
N SER A 6 -16.14 -5.94 4.62
CA SER A 6 -16.32 -6.51 5.96
C SER A 6 -17.05 -7.85 5.97
N ASP A 7 -16.88 -8.60 4.91
CA ASP A 7 -17.49 -9.91 4.72
C ASP A 7 -16.68 -10.86 5.61
N PRO A 8 -17.33 -11.70 6.45
CA PRO A 8 -16.47 -12.58 7.26
C PRO A 8 -15.40 -13.28 6.43
N ASP A 9 -15.83 -13.70 5.24
CA ASP A 9 -15.02 -14.40 4.27
C ASP A 9 -13.75 -13.67 3.84
N MET A 10 -13.84 -12.36 3.69
CA MET A 10 -12.68 -11.61 3.26
C MET A 10 -11.65 -11.46 4.38
N GLU A 11 -11.74 -12.28 5.44
CA GLU A 11 -10.80 -12.21 6.57
C GLU A 11 -9.34 -12.39 6.15
N PHE A 12 -9.14 -13.08 5.04
CA PHE A 12 -7.82 -13.39 4.50
C PHE A 12 -7.53 -12.80 3.12
N LEU A 13 -8.50 -12.11 2.56
CA LEU A 13 -8.36 -11.51 1.24
C LEU A 13 -8.04 -10.02 1.43
N CYS A 14 -9.00 -9.24 1.93
CA CYS A 14 -8.76 -7.80 2.19
C CYS A 14 -8.81 -7.51 3.70
N LEU A 15 -8.53 -6.25 4.08
CA LEU A 15 -8.58 -5.80 5.48
C LEU A 15 -10.00 -5.30 5.68
N THR A 16 -10.20 -4.33 6.57
CA THR A 16 -11.53 -3.76 6.82
C THR A 16 -11.43 -2.27 6.49
N ARG A 17 -12.55 -1.58 6.21
CA ARG A 17 -12.43 -0.16 5.89
C ARG A 17 -11.65 0.54 6.99
N GLN A 18 -11.63 -0.09 8.17
CA GLN A 18 -10.95 0.45 9.32
C GLN A 18 -9.45 0.15 9.24
N LYS A 19 -9.12 -1.14 9.28
CA LYS A 19 -7.75 -1.59 9.23
C LYS A 19 -6.91 -1.02 8.07
N LEU A 20 -7.50 -0.82 6.88
CA LEU A 20 -6.70 -0.26 5.81
C LEU A 20 -6.51 1.24 5.96
N MET A 21 -7.44 1.92 6.65
CA MET A 21 -7.34 3.37 6.87
C MET A 21 -6.18 3.62 7.82
N GLU A 22 -5.78 2.54 8.48
CA GLU A 22 -4.69 2.62 9.41
C GLU A 22 -3.37 2.52 8.65
N ALA A 23 -3.12 1.44 7.90
CA ALA A 23 -1.85 1.37 7.20
C ALA A 23 -1.62 2.65 6.40
N THR A 24 -2.66 3.06 5.69
CA THR A 24 -2.58 4.24 4.86
C THR A 24 -2.33 5.57 5.58
N SER A 25 -2.66 5.64 6.88
CA SER A 25 -2.52 6.88 7.66
C SER A 25 -1.22 7.14 8.45
N ILE A 26 -0.35 6.14 8.59
CA ILE A 26 0.90 6.27 9.34
C ILE A 26 1.85 7.36 8.77
N PRO A 27 2.45 8.21 9.63
CA PRO A 27 3.35 9.29 9.17
C PRO A 27 4.34 9.04 8.01
N PHE A 28 4.98 10.10 7.52
CA PHE A 28 5.92 9.95 6.41
C PHE A 28 6.64 11.24 6.02
N ASP A 29 7.85 11.07 5.48
CA ASP A 29 8.68 12.20 5.04
C ASP A 29 9.63 11.75 3.91
N GLY A 30 9.26 12.05 2.67
CA GLY A 30 10.08 11.65 1.53
C GLY A 30 11.48 12.22 1.50
N LYS A 31 11.92 12.66 2.69
CA LYS A 31 13.26 13.23 2.91
C LYS A 31 13.84 12.44 4.09
N LYS A 32 12.96 11.96 4.97
CA LYS A 32 13.38 11.19 6.14
C LYS A 32 13.09 9.68 6.03
N ASN A 33 11.89 9.27 5.64
CA ASN A 33 11.60 7.84 5.61
C ASN A 33 12.07 7.03 4.40
N CYS A 34 12.75 5.93 4.69
CA CYS A 34 13.30 5.10 3.63
C CYS A 34 13.35 3.62 3.94
N TRP A 35 14.09 2.97 3.07
CA TRP A 35 14.32 1.54 3.08
C TRP A 35 15.81 1.31 3.20
N VAL A 36 16.22 0.38 4.06
CA VAL A 36 17.65 0.08 4.19
C VAL A 36 17.90 -1.42 4.14
N PRO A 37 19.17 -1.80 3.94
CA PRO A 37 19.60 -3.19 3.86
C PRO A 37 19.79 -3.75 5.29
N ASP A 38 19.65 -5.06 5.45
CA ASP A 38 19.79 -5.67 6.75
C ASP A 38 20.14 -7.14 6.64
N PRO A 39 20.76 -7.68 7.70
CA PRO A 39 21.17 -9.08 7.79
C PRO A 39 20.10 -10.12 8.03
N ASP A 40 18.93 -9.71 8.49
CA ASP A 40 17.94 -10.74 8.80
C ASP A 40 16.56 -10.67 8.24
N PHE A 41 16.33 -9.66 7.43
CA PHE A 41 15.04 -9.46 6.83
C PHE A 41 15.45 -8.67 5.59
N GLY A 42 16.71 -8.81 5.22
CA GLY A 42 17.25 -8.13 4.06
C GLY A 42 17.09 -6.62 4.10
N PHE A 43 15.88 -6.15 4.38
CA PHE A 43 15.67 -4.71 4.45
C PHE A 43 14.74 -4.37 5.55
N VAL A 44 14.88 -3.13 6.01
CA VAL A 44 14.05 -2.59 7.06
C VAL A 44 13.87 -1.09 6.89
N GLY A 45 12.78 -0.60 7.50
CA GLY A 45 12.43 0.82 7.46
C GLY A 45 13.35 1.74 8.24
N ALA A 46 13.41 3.01 7.83
CA ALA A 46 14.29 3.98 8.47
C ALA A 46 13.90 5.45 8.43
N GLU A 47 14.46 6.23 9.35
CA GLU A 47 14.26 7.69 9.40
C GLU A 47 15.69 8.23 9.43
N ILE A 48 16.07 9.00 8.43
CA ILE A 48 17.43 9.54 8.37
C ILE A 48 17.68 10.57 9.45
N GLN A 49 18.72 10.38 10.24
CA GLN A 49 19.04 11.35 11.26
C GLN A 49 20.12 12.30 10.75
N SER A 50 21.28 11.79 10.37
CA SER A 50 22.35 12.67 9.89
C SER A 50 22.95 12.32 8.52
N THR A 51 23.64 13.29 7.91
CA THR A 51 24.27 13.10 6.60
C THR A 51 25.61 13.81 6.43
N LYS A 52 26.61 13.06 5.97
CA LYS A 52 27.95 13.60 5.81
C LYS A 52 28.76 13.01 4.65
N GLY A 53 28.28 13.13 3.42
CA GLY A 53 29.01 12.59 2.29
C GLY A 53 28.38 11.28 1.86
N ASP A 54 28.62 10.23 2.65
CA ASP A 54 28.03 8.91 2.41
C ASP A 54 27.59 8.48 3.78
N GLU A 55 28.34 8.89 4.78
CA GLU A 55 28.02 8.51 6.14
C GLU A 55 26.66 9.07 6.53
N VAL A 56 25.62 8.44 5.98
CA VAL A 56 24.24 8.79 6.26
C VAL A 56 23.95 7.95 7.48
N THR A 57 23.52 8.62 8.53
CA THR A 57 23.25 7.95 9.78
C THR A 57 21.77 7.71 9.97
N VAL A 58 21.36 6.45 9.89
CA VAL A 58 19.94 6.19 10.01
C VAL A 58 19.46 5.44 11.24
N LYS A 59 18.37 5.90 11.84
CA LYS A 59 17.81 5.18 12.96
C LYS A 59 16.69 4.36 12.28
N THR A 60 16.73 3.03 12.42
CA THR A 60 15.74 2.17 11.78
C THR A 60 14.32 2.38 12.29
N ASP A 61 13.36 1.57 11.82
CA ASP A 61 12.02 1.75 12.35
C ASP A 61 11.95 0.95 13.67
N LYS A 62 11.51 -0.30 13.68
CA LYS A 62 11.40 -1.10 14.93
C LYS A 62 12.54 -1.04 15.98
N THR A 63 13.67 -1.65 15.64
CA THR A 63 14.85 -1.76 16.49
C THR A 63 15.20 -0.57 17.37
N GLN A 64 15.40 0.56 16.72
CA GLN A 64 15.80 1.79 17.37
C GLN A 64 17.30 1.91 17.21
N GLU A 65 17.85 1.29 16.19
CA GLU A 65 19.28 1.40 16.05
C GLU A 65 19.73 2.52 15.17
N THR A 66 21.03 2.65 15.07
CA THR A 66 21.63 3.67 14.27
C THR A 66 22.87 3.07 13.62
N ARG A 67 22.65 2.59 12.41
CA ARG A 67 23.67 2.00 11.57
C ARG A 67 24.17 3.21 10.83
N VAL A 68 24.97 2.98 9.82
CA VAL A 68 25.45 4.10 9.03
C VAL A 68 25.74 3.51 7.68
N VAL A 69 24.68 3.31 6.93
CA VAL A 69 24.80 2.74 5.61
C VAL A 69 25.35 3.81 4.69
N LYS A 70 26.07 3.39 3.66
CA LYS A 70 26.58 4.35 2.70
C LYS A 70 25.29 4.83 2.02
N LYS A 71 25.37 5.87 1.19
CA LYS A 71 24.16 6.38 0.55
C LYS A 71 23.38 5.34 -0.29
N ASP A 72 23.98 4.72 -1.30
CA ASP A 72 23.28 3.74 -2.17
C ASP A 72 22.47 2.60 -1.55
N ASP A 73 22.69 2.25 -0.29
CA ASP A 73 21.88 1.18 0.26
C ASP A 73 20.72 1.80 1.04
N ILE A 74 20.40 3.04 0.65
CA ILE A 74 19.30 3.82 1.23
C ILE A 74 18.22 3.77 0.17
N GLY A 75 17.29 2.82 0.32
CA GLY A 75 16.22 2.70 -0.64
C GLY A 75 15.12 3.71 -0.40
N GLN A 76 14.43 4.06 -1.49
CA GLN A 76 13.32 5.00 -1.44
C GLN A 76 12.08 4.22 -1.08
N ARG A 77 11.23 4.83 -0.27
CA ARG A 77 10.04 4.13 0.17
C ARG A 77 8.71 4.66 -0.37
N ASN A 78 7.73 3.76 -0.53
CA ASN A 78 6.44 4.17 -1.04
C ASN A 78 5.59 4.83 0.01
N PRO A 79 4.83 5.85 -0.41
CA PRO A 79 3.99 6.50 0.60
C PRO A 79 2.77 5.67 1.02
N PRO A 80 2.29 5.91 2.25
CA PRO A 80 1.15 5.28 2.93
C PRO A 80 -0.07 4.84 2.06
N LYS A 81 -0.37 5.58 0.98
CA LYS A 81 -1.52 5.26 0.09
C LYS A 81 -1.35 3.83 -0.38
N PHE A 82 -0.07 3.50 -0.55
CA PHE A 82 0.33 2.20 -1.05
C PHE A 82 0.42 1.07 0.00
N GLU A 83 0.49 1.37 1.30
CA GLU A 83 0.59 0.28 2.27
C GLU A 83 -0.54 -0.76 2.12
N MET A 84 -0.14 -1.99 1.81
CA MET A 84 -1.03 -3.13 1.60
C MET A 84 -1.42 -3.19 0.12
N ASN A 85 -0.76 -2.37 -0.71
CA ASN A 85 -1.06 -2.35 -2.13
C ASN A 85 -1.40 -3.72 -2.63
N MET A 86 -2.58 -3.83 -3.21
CA MET A 86 -3.04 -5.10 -3.70
C MET A 86 -2.35 -5.64 -4.96
N ASP A 87 -1.85 -4.74 -5.82
CA ASP A 87 -1.14 -5.20 -7.00
C ASP A 87 0.20 -4.50 -7.11
N MET A 88 1.21 -5.29 -6.84
CA MET A 88 2.61 -4.89 -6.85
C MET A 88 3.08 -3.92 -7.94
N ALA A 89 2.36 -3.85 -9.06
CA ALA A 89 2.76 -3.00 -10.18
C ALA A 89 2.44 -1.51 -10.02
N ASN A 90 1.55 -1.18 -9.09
CA ASN A 90 1.18 0.21 -8.87
C ASN A 90 2.11 0.93 -7.91
N LEU A 91 3.21 0.27 -7.54
CA LEU A 91 4.16 0.92 -6.63
C LEU A 91 4.94 1.99 -7.39
N THR A 92 4.84 3.24 -6.96
CA THR A 92 5.57 4.27 -7.66
C THR A 92 7.06 4.01 -7.58
N PHE A 93 7.48 3.58 -6.41
CA PHE A 93 8.89 3.27 -6.18
C PHE A 93 9.04 1.76 -6.29
N LEU A 94 9.87 1.36 -7.24
CA LEU A 94 10.10 -0.04 -7.54
C LEU A 94 11.46 -0.47 -7.05
N ASN A 95 11.50 -1.45 -6.16
CA ASN A 95 12.76 -1.93 -5.63
C ASN A 95 12.48 -3.20 -4.83
N GLU A 96 13.52 -3.97 -4.49
CA GLU A 96 13.32 -5.22 -3.74
C GLU A 96 12.83 -4.86 -2.35
N ALA A 97 13.47 -3.84 -1.76
CA ALA A 97 13.11 -3.35 -0.43
C ALA A 97 11.59 -3.29 -0.34
N SER A 98 10.99 -2.80 -1.42
CA SER A 98 9.55 -2.63 -1.57
C SER A 98 8.82 -3.93 -1.83
N ILE A 99 9.15 -4.53 -2.97
CA ILE A 99 8.59 -5.79 -3.42
C ILE A 99 8.60 -6.77 -2.25
N LEU A 100 9.68 -6.75 -1.47
CA LEU A 100 9.75 -7.64 -0.33
C LEU A 100 8.72 -7.16 0.65
N HIS A 101 8.72 -5.84 0.89
CA HIS A 101 7.79 -5.27 1.83
C HIS A 101 6.30 -5.51 1.51
N ASN A 102 5.87 -5.08 0.32
CA ASN A 102 4.49 -5.21 -0.15
C ASN A 102 3.99 -6.64 0.13
N LEU A 103 4.95 -7.56 0.11
CA LEU A 103 4.78 -8.99 0.26
C LEU A 103 4.62 -9.66 1.63
N ARG A 104 5.53 -9.40 2.57
CA ARG A 104 5.37 -10.04 3.86
C ARG A 104 4.27 -9.31 4.64
N SER A 105 4.26 -7.98 4.51
CA SER A 105 3.26 -7.13 5.12
C SER A 105 1.92 -7.79 4.84
N ARG A 106 1.67 -7.99 3.55
CA ARG A 106 0.48 -8.64 3.07
C ARG A 106 0.53 -10.08 3.64
N TYR A 107 1.67 -10.77 3.51
CA TYR A 107 1.81 -12.15 4.00
C TYR A 107 1.52 -12.41 5.49
N GLU A 108 2.00 -11.48 6.33
CA GLU A 108 1.87 -11.54 7.78
C GLU A 108 0.53 -10.94 8.22
N SER A 109 -0.47 -10.97 7.35
CA SER A 109 -1.78 -10.46 7.71
C SER A 109 -2.75 -11.57 7.35
N GLY A 110 -2.22 -12.61 6.70
CA GLY A 110 -3.02 -13.76 6.31
C GLY A 110 -3.25 -13.81 4.80
N PHE A 111 -2.64 -12.85 4.10
CA PHE A 111 -2.80 -12.70 2.66
C PHE A 111 -1.73 -13.40 1.83
N ILE A 112 -2.04 -14.63 1.42
CA ILE A 112 -1.07 -15.36 0.63
C ILE A 112 -1.06 -14.83 -0.81
N TYR A 113 -2.20 -14.90 -1.48
CA TYR A 113 -2.28 -14.43 -2.85
C TYR A 113 -2.00 -12.94 -3.00
N THR A 114 -1.31 -12.58 -4.09
CA THR A 114 -0.98 -11.21 -4.36
C THR A 114 -0.37 -10.94 -5.72
N TYR A 115 -1.05 -10.07 -6.47
CA TYR A 115 -0.64 -9.67 -7.81
C TYR A 115 0.50 -8.66 -7.94
N SER A 116 1.09 -8.67 -9.13
CA SER A 116 2.16 -7.79 -9.56
C SER A 116 2.09 -7.85 -11.09
N GLY A 117 1.32 -6.96 -11.68
CA GLY A 117 1.17 -6.95 -13.13
C GLY A 117 0.62 -8.28 -13.63
N LEU A 118 1.12 -8.72 -14.78
CA LEU A 118 0.66 -9.96 -15.38
C LEU A 118 0.72 -11.14 -14.41
N PHE A 119 1.69 -11.14 -13.47
CA PHE A 119 1.81 -12.25 -12.51
C PHE A 119 1.00 -12.17 -11.24
N CYS A 120 0.56 -13.34 -10.82
CA CYS A 120 -0.19 -13.46 -9.58
C CYS A 120 0.66 -14.27 -8.60
N ILE A 121 1.15 -13.63 -7.53
CA ILE A 121 2.00 -14.33 -6.56
C ILE A 121 1.26 -15.18 -5.57
N ALA A 122 1.85 -16.29 -5.21
CA ALA A 122 1.24 -17.11 -4.18
C ALA A 122 2.36 -17.33 -3.18
N ILE A 123 2.02 -17.61 -1.93
CA ILE A 123 3.02 -17.90 -0.93
C ILE A 123 2.34 -18.88 -0.03
N ASN A 124 2.97 -20.04 0.06
CA ASN A 124 2.46 -21.14 0.86
C ASN A 124 2.06 -20.80 2.28
N PRO A 125 0.76 -20.75 2.52
CA PRO A 125 0.24 -20.46 3.85
C PRO A 125 0.88 -21.40 4.85
N TYR A 126 0.70 -22.69 4.57
CA TYR A 126 1.14 -23.82 5.40
C TYR A 126 0.09 -23.81 6.49
N ARG A 127 -1.12 -24.23 6.14
CA ARG A 127 -2.24 -24.27 7.06
C ARG A 127 -3.52 -24.08 6.28
N ARG A 128 -4.51 -24.90 6.60
CA ARG A 128 -5.80 -24.79 5.94
C ARG A 128 -6.32 -23.34 6.05
N LEU A 129 -6.80 -22.78 4.94
CA LEU A 129 -7.36 -21.45 4.93
C LEU A 129 -8.77 -21.62 4.40
N PRO A 130 -9.66 -20.65 4.69
CA PRO A 130 -11.03 -20.77 4.20
C PRO A 130 -11.22 -20.15 2.81
N ILE A 131 -10.18 -19.45 2.37
CA ILE A 131 -10.06 -18.83 1.05
C ILE A 131 -10.76 -19.63 -0.07
N TYR A 132 -10.79 -20.95 0.04
CA TYR A 132 -11.33 -21.79 -1.02
C TYR A 132 -12.70 -22.41 -0.86
N THR A 133 -13.57 -21.80 -0.04
CA THR A 133 -14.93 -22.34 0.13
C THR A 133 -15.73 -22.02 -1.13
N GLN A 134 -16.76 -22.84 -1.36
CA GLN A 134 -17.62 -22.63 -2.51
C GLN A 134 -18.26 -21.22 -2.50
N GLY A 135 -18.97 -20.86 -1.44
CA GLY A 135 -19.56 -19.54 -1.40
C GLY A 135 -18.58 -18.47 -1.83
N LEU A 136 -17.28 -18.69 -1.64
CA LEU A 136 -16.31 -17.68 -2.02
C LEU A 136 -16.22 -17.66 -3.53
N VAL A 137 -16.42 -18.84 -4.10
CA VAL A 137 -16.39 -19.06 -5.55
C VAL A 137 -17.32 -18.04 -6.18
N ASP A 138 -18.60 -18.19 -5.83
CA ASP A 138 -19.64 -17.33 -6.34
C ASP A 138 -19.19 -15.90 -6.18
N LYS A 139 -18.86 -15.53 -4.96
CA LYS A 139 -18.42 -14.18 -4.77
C LYS A 139 -17.35 -13.88 -5.82
N TYR A 140 -16.45 -14.81 -6.10
CA TYR A 140 -15.40 -14.49 -7.07
C TYR A 140 -15.71 -14.64 -8.56
N ARG A 141 -16.80 -15.34 -8.83
CA ARG A 141 -17.28 -15.63 -10.19
C ARG A 141 -17.51 -14.33 -10.95
N GLY A 142 -17.77 -14.44 -12.23
CA GLY A 142 -17.98 -13.27 -13.06
C GLY A 142 -17.14 -12.01 -12.94
N LYS A 143 -16.38 -11.79 -11.88
CA LYS A 143 -15.68 -10.48 -11.79
C LYS A 143 -14.31 -10.15 -12.42
N ARG A 144 -14.19 -8.93 -12.97
CA ARG A 144 -12.90 -8.52 -13.52
C ARG A 144 -12.06 -8.63 -12.26
N ARG A 145 -10.77 -8.77 -12.47
CA ARG A 145 -9.78 -8.91 -11.41
C ARG A 145 -9.81 -7.81 -10.34
N ALA A 146 -9.94 -6.54 -10.74
CA ALA A 146 -9.95 -5.43 -9.79
C ALA A 146 -11.23 -5.19 -8.98
N GLU A 147 -12.30 -5.94 -9.26
CA GLU A 147 -13.54 -5.76 -8.53
C GLU A 147 -13.50 -6.56 -7.26
N MET A 148 -12.56 -7.49 -7.20
CA MET A 148 -12.43 -8.33 -6.04
C MET A 148 -10.99 -8.21 -5.52
N PRO A 149 -10.67 -8.88 -4.40
CA PRO A 149 -9.29 -8.78 -3.88
C PRO A 149 -8.44 -9.87 -4.59
N PRO A 150 -7.10 -9.79 -4.52
CA PRO A 150 -6.20 -10.78 -5.14
C PRO A 150 -6.56 -12.19 -4.73
N HIS A 151 -6.67 -13.08 -5.71
CA HIS A 151 -7.04 -14.42 -5.38
C HIS A 151 -7.05 -15.34 -6.60
N LEU A 152 -6.57 -16.55 -6.39
CA LEU A 152 -6.49 -17.56 -7.43
C LEU A 152 -7.82 -17.50 -8.19
N PHE A 153 -8.92 -17.86 -7.54
CA PHE A 153 -10.21 -17.80 -8.23
C PHE A 153 -10.35 -16.62 -9.25
N SER A 154 -9.79 -15.42 -9.04
CA SER A 154 -10.03 -14.44 -10.09
C SER A 154 -9.26 -14.92 -11.32
N ILE A 155 -7.94 -15.03 -11.17
CA ILE A 155 -7.10 -15.53 -12.26
C ILE A 155 -7.72 -16.81 -12.89
N ALA A 156 -8.21 -17.74 -12.09
CA ALA A 156 -8.81 -18.95 -12.67
C ALA A 156 -9.91 -18.52 -13.62
N ASP A 157 -10.82 -17.72 -13.03
CA ASP A 157 -12.02 -17.16 -13.65
C ASP A 157 -11.76 -16.22 -14.83
N ASN A 158 -11.17 -15.05 -14.60
CA ASN A 158 -10.95 -14.19 -15.74
C ASN A 158 -10.45 -15.06 -16.90
N ALA A 159 -9.69 -16.11 -16.60
CA ALA A 159 -9.22 -17.00 -17.64
C ALA A 159 -10.46 -17.52 -18.32
N TYR A 160 -11.26 -18.24 -17.55
CA TYR A 160 -12.50 -18.80 -18.05
C TYR A 160 -13.29 -17.76 -18.82
N GLN A 161 -13.41 -16.55 -18.24
CA GLN A 161 -14.14 -15.48 -18.89
C GLN A 161 -13.51 -15.37 -20.27
N TYR A 162 -12.36 -14.73 -20.38
CA TYR A 162 -11.73 -14.59 -21.68
C TYR A 162 -11.82 -15.82 -22.55
N MET A 163 -11.87 -17.01 -21.97
CA MET A 163 -11.99 -18.10 -22.89
C MET A 163 -13.25 -17.71 -23.69
N LEU A 164 -14.42 -17.70 -23.04
CA LEU A 164 -15.69 -17.35 -23.69
C LEU A 164 -15.78 -16.10 -24.58
N GLN A 165 -15.47 -14.94 -24.01
CA GLN A 165 -15.55 -13.71 -24.80
C GLN A 165 -14.60 -13.65 -25.98
N ASP A 166 -13.44 -14.28 -25.86
CA ASP A 166 -12.49 -14.21 -26.96
C ASP A 166 -12.44 -15.40 -27.86
N ARG A 167 -13.33 -16.34 -27.58
CA ARG A 167 -13.40 -17.60 -28.29
C ARG A 167 -11.97 -18.20 -28.54
N GLU A 168 -10.94 -17.77 -27.78
CA GLU A 168 -9.57 -18.33 -27.92
C GLU A 168 -9.15 -19.23 -26.71
N ASN A 169 -7.96 -19.87 -26.75
CA ASN A 169 -7.48 -20.79 -25.67
C ASN A 169 -6.84 -20.18 -24.43
N GLN A 170 -7.01 -20.89 -23.32
CA GLN A 170 -6.48 -20.44 -22.03
C GLN A 170 -5.48 -21.34 -21.31
N SER A 171 -4.28 -20.80 -21.10
CA SER A 171 -3.27 -21.57 -20.40
C SER A 171 -2.88 -20.84 -19.13
N MET A 172 -2.83 -21.62 -18.04
CA MET A 172 -2.47 -21.13 -16.72
C MET A 172 -1.18 -21.83 -16.32
N LEU A 173 -0.16 -21.03 -16.11
CA LEU A 173 1.20 -21.47 -15.78
C LEU A 173 1.75 -21.47 -14.34
N ILE A 174 1.34 -22.40 -13.46
CA ILE A 174 1.88 -22.33 -12.08
C ILE A 174 3.34 -22.79 -11.86
N THR A 175 4.14 -21.89 -11.29
CA THR A 175 5.56 -22.09 -11.09
C THR A 175 6.12 -22.11 -9.65
N GLY A 176 7.37 -21.65 -9.50
CA GLY A 176 8.03 -21.60 -8.20
C GLY A 176 8.90 -22.79 -7.81
N GLU A 177 9.69 -22.63 -6.77
CA GLU A 177 10.58 -23.71 -6.31
C GLU A 177 9.80 -24.90 -5.76
N SER A 178 10.53 -25.81 -5.13
CA SER A 178 9.95 -27.01 -4.57
C SER A 178 9.26 -26.74 -3.25
N GLY A 179 8.07 -27.32 -3.08
CA GLY A 179 7.36 -27.13 -1.84
C GLY A 179 6.85 -25.71 -1.70
N ALA A 180 6.59 -25.04 -2.81
CA ALA A 180 6.07 -23.68 -2.77
C ALA A 180 4.59 -23.81 -3.12
N GLY A 181 4.11 -25.05 -3.11
CA GLY A 181 2.71 -25.30 -3.37
C GLY A 181 2.09 -24.96 -4.72
N LYS A 182 2.59 -25.51 -5.82
CA LYS A 182 1.96 -25.22 -7.10
C LYS A 182 0.96 -26.33 -7.34
N THR A 183 1.22 -27.49 -6.77
CA THR A 183 0.29 -28.59 -6.91
C THR A 183 -0.90 -28.27 -6.01
N GLU A 184 -0.72 -27.31 -5.13
CA GLU A 184 -1.85 -27.03 -4.24
C GLU A 184 -2.88 -26.15 -4.92
N ASN A 185 -2.36 -25.12 -5.57
CA ASN A 185 -3.19 -24.20 -6.32
C ASN A 185 -3.78 -24.96 -7.51
N THR A 186 -2.94 -25.65 -8.26
CA THR A 186 -3.46 -26.41 -9.39
C THR A 186 -4.78 -27.09 -9.10
N LYS A 187 -4.78 -28.11 -8.24
CA LYS A 187 -6.06 -28.74 -8.03
C LYS A 187 -7.15 -27.81 -7.52
N LYS A 188 -6.82 -26.56 -7.20
CA LYS A 188 -7.84 -25.59 -6.76
C LYS A 188 -8.40 -25.10 -8.08
N VAL A 189 -7.47 -24.53 -8.85
CA VAL A 189 -7.80 -24.04 -10.17
C VAL A 189 -8.63 -25.18 -10.80
N ILE A 190 -8.09 -26.39 -10.95
CA ILE A 190 -8.93 -27.44 -11.51
C ILE A 190 -10.22 -27.66 -10.77
N GLN A 191 -10.20 -27.73 -9.46
CA GLN A 191 -11.48 -27.95 -8.74
C GLN A 191 -12.42 -26.78 -9.02
N TYR A 192 -11.88 -25.59 -9.27
CA TYR A 192 -12.74 -24.46 -9.58
C TYR A 192 -13.62 -24.80 -10.77
N PHE A 193 -13.01 -24.74 -11.96
CA PHE A 193 -13.72 -25.02 -13.21
C PHE A 193 -14.68 -26.24 -13.06
N ALA A 194 -14.32 -27.22 -12.26
CA ALA A 194 -15.20 -28.37 -12.09
C ALA A 194 -16.55 -28.00 -11.56
N LEU A 195 -16.62 -26.91 -10.82
CA LEU A 195 -17.91 -26.43 -10.31
C LEU A 195 -18.44 -25.40 -11.30
N VAL A 196 -17.77 -24.25 -11.41
CA VAL A 196 -18.17 -23.25 -12.41
C VAL A 196 -18.76 -23.90 -13.65
N ALA A 197 -17.92 -24.63 -14.37
CA ALA A 197 -18.36 -25.25 -15.60
C ALA A 197 -19.19 -26.52 -15.63
N ALA A 198 -19.10 -27.41 -14.65
CA ALA A 198 -19.89 -28.65 -14.72
C ALA A 198 -21.18 -28.53 -15.55
N SER A 199 -21.54 -29.65 -16.18
CA SER A 199 -22.69 -29.81 -17.10
C SER A 199 -24.11 -30.12 -16.55
N LEU A 200 -25.08 -30.35 -17.45
CA LEU A 200 -26.42 -30.73 -17.00
C LEU A 200 -26.94 -31.90 -17.83
N ALA A 201 -26.44 -33.08 -17.48
CA ALA A 201 -26.78 -34.31 -18.18
C ALA A 201 -26.73 -35.57 -17.31
N GLU A 215 -21.44 -48.40 -12.66
CA GLU A 215 -22.17 -47.80 -11.55
C GLU A 215 -21.20 -46.99 -10.69
N LYS A 216 -20.12 -47.65 -10.27
CA LYS A 216 -19.12 -47.02 -9.44
C LYS A 216 -18.40 -45.87 -10.12
N LYS A 217 -18.88 -45.41 -11.28
CA LYS A 217 -18.12 -44.35 -11.94
C LYS A 217 -18.52 -42.91 -11.81
N GLY A 218 -17.48 -42.11 -11.85
CA GLY A 218 -17.56 -40.68 -11.71
C GLY A 218 -18.56 -39.81 -12.39
N THR A 219 -17.98 -38.92 -13.16
CA THR A 219 -18.70 -37.88 -13.83
C THR A 219 -17.51 -37.25 -14.51
N LEU A 220 -17.70 -36.66 -15.68
CA LEU A 220 -16.57 -36.07 -16.34
C LEU A 220 -15.85 -35.07 -15.46
N GLU A 221 -16.58 -34.39 -14.57
CA GLU A 221 -15.92 -33.43 -13.70
C GLU A 221 -15.42 -34.18 -12.46
N ASP A 222 -16.25 -35.08 -11.92
CA ASP A 222 -15.83 -35.86 -10.76
C ASP A 222 -14.48 -36.47 -11.19
N GLN A 223 -14.45 -37.08 -12.36
CA GLN A 223 -13.24 -37.70 -12.88
C GLN A 223 -12.08 -36.81 -13.20
N ILE A 224 -12.34 -35.60 -13.68
CA ILE A 224 -11.18 -34.80 -13.97
C ILE A 224 -10.34 -34.66 -12.72
N VAL A 225 -11.03 -34.50 -11.59
CA VAL A 225 -10.45 -34.31 -10.25
C VAL A 225 -9.65 -35.49 -9.65
N GLN A 226 -10.24 -36.69 -9.65
CA GLN A 226 -9.59 -37.88 -9.12
C GLN A 226 -8.31 -38.22 -9.81
N CYS A 227 -7.87 -37.37 -10.72
CA CYS A 227 -6.64 -37.71 -11.40
C CYS A 227 -5.51 -37.62 -10.42
N ASN A 228 -5.55 -36.58 -9.59
CA ASN A 228 -4.52 -36.36 -8.60
C ASN A 228 -4.18 -37.53 -7.70
N PRO A 229 -5.17 -38.07 -6.98
CA PRO A 229 -4.94 -39.20 -6.09
C PRO A 229 -4.09 -40.26 -6.75
N VAL A 230 -4.71 -40.85 -7.76
CA VAL A 230 -4.12 -41.90 -8.54
C VAL A 230 -2.79 -41.48 -9.13
N LEU A 231 -2.69 -40.26 -9.60
CA LEU A 231 -1.42 -39.86 -10.13
C LEU A 231 -0.40 -39.68 -9.03
N GLU A 232 -0.79 -38.96 -7.98
CA GLU A 232 0.11 -38.67 -6.87
C GLU A 232 0.56 -39.86 -6.01
N ALA A 233 -0.29 -40.88 -5.93
CA ALA A 233 0.01 -42.08 -5.18
C ALA A 233 1.16 -42.71 -5.96
N TYR A 234 1.44 -42.15 -7.13
CA TYR A 234 2.52 -42.68 -7.94
C TYR A 234 3.49 -41.64 -8.41
N GLY A 235 3.10 -40.39 -8.39
CA GLY A 235 4.00 -39.38 -8.87
C GLY A 235 4.69 -38.68 -7.74
N ASN A 236 4.04 -38.68 -6.60
CA ASN A 236 4.60 -37.98 -5.45
C ASN A 236 5.28 -38.86 -4.42
N ALA A 237 6.21 -38.24 -3.70
CA ALA A 237 6.94 -38.95 -2.68
C ALA A 237 7.63 -37.96 -1.77
N LYS A 238 7.71 -38.29 -0.47
CA LYS A 238 8.33 -37.44 0.53
C LYS A 238 9.75 -37.01 0.20
N THR A 239 9.98 -35.72 0.31
CA THR A 239 11.26 -35.13 0.03
C THR A 239 11.54 -34.20 1.17
N THR A 240 12.80 -33.85 1.30
CA THR A 240 13.14 -32.96 2.37
C THR A 240 12.26 -31.69 2.22
N ARG A 241 12.29 -31.01 1.08
CA ARG A 241 11.47 -29.78 0.92
C ARG A 241 9.97 -29.94 0.99
N ASN A 242 9.40 -31.08 0.62
CA ASN A 242 7.95 -31.15 0.66
C ASN A 242 7.51 -32.58 0.86
N ASN A 243 6.63 -32.80 1.82
CA ASN A 243 6.20 -34.16 2.06
C ASN A 243 5.35 -34.68 0.94
N ASN A 244 4.86 -33.80 0.07
CA ASN A 244 4.04 -34.33 -1.02
C ASN A 244 4.54 -33.94 -2.36
N SER A 245 5.86 -34.03 -2.48
CA SER A 245 6.50 -33.61 -3.70
C SER A 245 6.04 -34.22 -5.00
N SER A 246 5.84 -33.27 -5.88
CA SER A 246 5.43 -33.48 -7.24
C SER A 246 6.76 -33.95 -7.89
N ARG A 247 6.90 -35.28 -8.10
CA ARG A 247 8.11 -35.87 -8.71
C ARG A 247 8.07 -35.82 -10.22
N PHE A 248 7.21 -34.94 -10.75
CA PHE A 248 7.00 -34.82 -12.19
C PHE A 248 6.19 -33.61 -12.70
N GLY A 249 6.27 -33.36 -14.00
CA GLY A 249 5.54 -32.24 -14.60
C GLY A 249 4.14 -32.66 -15.04
N LYS A 250 3.20 -31.72 -15.12
CA LYS A 250 1.82 -32.03 -15.51
C LYS A 250 1.24 -30.84 -16.30
N PHE A 251 0.49 -31.16 -17.34
CA PHE A 251 -0.17 -30.15 -18.17
C PHE A 251 -1.46 -30.87 -18.29
N ILE A 252 -2.52 -30.34 -17.71
CA ILE A 252 -3.76 -31.05 -17.91
C ILE A 252 -4.47 -30.03 -18.75
N ARG A 253 -5.39 -30.49 -19.56
CA ARG A 253 -6.10 -29.57 -20.40
C ARG A 253 -7.56 -29.93 -20.38
N ILE A 254 -8.39 -28.90 -20.20
CA ILE A 254 -9.85 -29.07 -20.13
C ILE A 254 -10.47 -28.45 -21.39
N HIS A 255 -11.29 -29.23 -22.09
CA HIS A 255 -11.93 -28.74 -23.32
C HIS A 255 -13.36 -28.36 -23.01
N PHE A 256 -13.75 -27.18 -23.53
CA PHE A 256 -15.07 -26.62 -23.30
C PHE A 256 -15.89 -26.49 -24.58
N GLY A 257 -17.14 -26.93 -24.56
CA GLY A 257 -17.95 -26.82 -25.76
C GLY A 257 -18.82 -25.57 -25.92
N THR A 258 -18.28 -24.50 -26.54
CA THR A 258 -19.01 -23.23 -26.82
C THR A 258 -19.94 -22.70 -25.75
N GLN A 259 -20.86 -23.57 -25.41
CA GLN A 259 -21.86 -23.32 -24.40
C GLN A 259 -20.99 -22.97 -23.21
N GLY A 260 -19.75 -23.41 -23.27
CA GLY A 260 -18.80 -23.13 -22.22
C GLY A 260 -18.77 -24.20 -21.14
N LYS A 261 -19.34 -25.37 -21.37
CA LYS A 261 -19.32 -26.37 -20.33
C LYS A 261 -18.08 -27.25 -20.55
N ILE A 262 -17.88 -28.24 -19.69
CA ILE A 262 -16.72 -29.12 -19.84
C ILE A 262 -17.02 -30.26 -20.81
N ALA A 263 -16.08 -30.56 -21.71
CA ALA A 263 -16.25 -31.61 -22.72
C ALA A 263 -15.33 -32.80 -22.51
N GLY A 264 -14.38 -32.62 -21.61
CA GLY A 264 -13.41 -33.66 -21.34
C GLY A 264 -12.09 -32.94 -21.19
N ALA A 265 -11.07 -33.70 -20.81
CA ALA A 265 -9.74 -33.14 -20.64
C ALA A 265 -8.77 -34.24 -21.00
N ASP A 266 -7.51 -33.85 -21.20
CA ASP A 266 -6.43 -34.78 -21.51
C ASP A 266 -5.21 -34.37 -20.66
N ILE A 267 -4.40 -35.36 -20.25
CA ILE A 267 -3.22 -35.14 -19.39
C ILE A 267 -1.89 -35.39 -20.06
N GLU A 268 -0.88 -34.68 -19.56
CA GLU A 268 0.50 -34.75 -20.04
C GLU A 268 1.38 -34.80 -18.74
N THR A 269 2.41 -35.65 -18.73
CA THR A 269 3.30 -35.81 -17.57
C THR A 269 4.70 -35.67 -18.08
N TYR A 270 5.61 -35.23 -17.24
CA TYR A 270 6.99 -35.05 -17.73
C TYR A 270 8.09 -35.44 -16.72
N LEU A 271 9.23 -35.90 -17.21
CA LEU A 271 10.37 -36.27 -16.37
C LEU A 271 10.19 -37.15 -15.13
N LEU A 272 9.41 -38.23 -15.22
CA LEU A 272 9.29 -39.07 -14.02
C LEU A 272 10.66 -39.42 -13.48
N GLU A 273 10.87 -39.09 -12.20
CA GLU A 273 12.14 -39.38 -11.49
C GLU A 273 12.16 -40.87 -11.51
N LYS A 274 13.04 -41.44 -12.32
CA LYS A 274 13.03 -42.87 -12.41
C LYS A 274 13.79 -43.45 -11.23
N SER A 275 14.86 -42.73 -10.86
CA SER A 275 15.71 -43.11 -9.76
C SER A 275 15.10 -43.51 -8.39
N ARG A 276 14.13 -42.82 -7.81
CA ARG A 276 13.70 -43.37 -6.50
C ARG A 276 13.09 -44.73 -6.61
N VAL A 277 12.86 -45.28 -7.79
CA VAL A 277 12.20 -46.57 -7.75
C VAL A 277 12.92 -47.55 -6.85
N THR A 278 14.26 -47.49 -7.00
CA THR A 278 15.31 -48.30 -6.36
C THR A 278 16.25 -47.52 -5.42
N TYR A 279 16.04 -46.21 -5.26
CA TYR A 279 16.94 -45.42 -4.44
C TYR A 279 16.25 -44.31 -3.66
N GLN A 280 16.60 -44.19 -2.40
CA GLN A 280 15.98 -43.17 -1.59
C GLN A 280 16.96 -42.55 -0.60
N GLN A 281 17.12 -41.24 -0.68
CA GLN A 281 18.07 -40.54 0.18
C GLN A 281 17.83 -40.73 1.66
N SER A 282 18.79 -40.30 2.47
CA SER A 282 18.66 -40.49 3.90
C SER A 282 17.28 -40.18 4.48
N ALA A 283 16.89 -38.90 4.39
CA ALA A 283 15.62 -38.40 4.91
C ALA A 283 14.35 -38.75 4.14
N GLU A 284 14.49 -38.77 2.82
CA GLU A 284 13.41 -39.01 1.88
C GLU A 284 12.65 -40.32 1.85
N ARG A 285 11.86 -40.51 0.78
CA ARG A 285 11.02 -41.71 0.69
C ARG A 285 10.64 -42.11 -0.77
N ASN A 286 9.99 -43.28 -0.95
CA ASN A 286 9.62 -43.68 -2.29
C ASN A 286 8.17 -43.31 -2.57
N TYR A 287 7.82 -43.32 -3.85
CA TYR A 287 6.48 -42.99 -4.33
C TYR A 287 5.47 -43.50 -3.31
N HIS A 288 4.68 -42.55 -2.77
CA HIS A 288 3.68 -42.85 -1.75
C HIS A 288 2.92 -44.16 -1.95
N ILE A 289 2.97 -44.77 -3.12
CA ILE A 289 2.12 -45.92 -3.25
C ILE A 289 2.53 -47.25 -2.63
N PHE A 290 3.84 -47.52 -2.52
CA PHE A 290 4.32 -48.75 -1.91
C PHE A 290 3.87 -48.72 -0.46
N TYR A 291 4.05 -47.54 0.15
CA TYR A 291 3.63 -47.37 1.53
C TYR A 291 2.14 -47.56 1.67
N GLN A 292 1.36 -47.06 0.71
CA GLN A 292 -0.10 -47.23 0.85
C GLN A 292 -0.56 -48.66 0.66
N LEU A 293 0.23 -49.46 -0.05
CA LEU A 293 -0.10 -50.85 -0.36
C LEU A 293 0.12 -51.78 0.80
N LEU A 294 1.28 -51.60 1.42
CA LEU A 294 1.67 -52.42 2.53
C LEU A 294 0.90 -51.94 3.77
N SER A 295 -0.07 -51.06 3.54
CA SER A 295 -0.94 -50.50 4.59
C SER A 295 -2.02 -51.48 5.00
N PRO A 296 -2.45 -51.41 6.28
CA PRO A 296 -3.50 -52.33 6.72
C PRO A 296 -4.79 -52.25 5.91
N ALA A 297 -5.00 -51.10 5.26
CA ALA A 297 -6.20 -50.86 4.47
C ALA A 297 -6.75 -52.08 3.70
N PHE A 298 -5.96 -52.69 2.82
CA PHE A 298 -6.46 -53.83 2.07
C PHE A 298 -5.72 -55.14 2.24
N PRO A 299 -6.18 -55.94 3.21
CA PRO A 299 -5.70 -57.26 3.60
C PRO A 299 -5.42 -58.17 2.41
N GLU A 300 -6.48 -58.72 1.82
CA GLU A 300 -6.28 -59.59 0.69
C GLU A 300 -5.20 -58.97 -0.19
N ASN A 301 -5.41 -57.78 -0.71
CA ASN A 301 -4.39 -57.15 -1.54
C ASN A 301 -2.94 -57.41 -1.20
N ILE A 302 -2.59 -57.49 0.08
CA ILE A 302 -1.19 -57.71 0.33
C ILE A 302 -0.96 -59.15 -0.16
N GLU A 303 -1.93 -60.03 0.08
CA GLU A 303 -1.86 -61.42 -0.37
C GLU A 303 -1.69 -61.49 -1.88
N LYS A 304 -2.58 -60.83 -2.59
CA LYS A 304 -2.54 -60.87 -4.03
C LYS A 304 -1.24 -60.37 -4.62
N ILE A 305 -0.68 -59.26 -4.13
CA ILE A 305 0.61 -58.87 -4.70
C ILE A 305 1.69 -59.69 -4.00
N LEU A 306 1.27 -60.77 -3.32
CA LEU A 306 2.21 -61.64 -2.62
C LEU A 306 3.20 -60.86 -1.79
N ALA A 307 2.73 -60.13 -0.79
CA ALA A 307 3.65 -59.36 0.04
C ALA A 307 3.27 -59.49 1.52
N VAL A 308 4.06 -58.87 2.40
CA VAL A 308 3.75 -58.92 3.86
C VAL A 308 3.83 -57.51 4.50
N PRO A 309 2.72 -57.04 5.13
CA PRO A 309 2.48 -55.76 5.80
C PRO A 309 3.65 -55.12 6.57
N ASP A 310 4.65 -54.59 5.86
CA ASP A 310 5.78 -54.04 6.57
C ASP A 310 6.83 -53.41 5.66
N PRO A 311 6.59 -52.19 5.18
CA PRO A 311 7.46 -51.40 4.30
C PRO A 311 8.92 -51.43 4.74
N GLY A 312 9.23 -52.19 5.78
CA GLY A 312 10.60 -52.24 6.25
C GLY A 312 11.43 -53.28 5.54
N LEU A 313 10.81 -54.42 5.25
CA LEU A 313 11.45 -55.56 4.62
C LEU A 313 11.80 -55.37 3.17
N TYR A 314 11.45 -54.24 2.58
CA TYR A 314 11.73 -54.14 1.18
C TYR A 314 12.79 -53.17 0.68
N GLY A 315 13.95 -53.75 0.41
CA GLY A 315 15.11 -53.02 -0.07
C GLY A 315 14.85 -51.85 -0.97
N PHE A 316 13.77 -51.91 -1.73
CA PHE A 316 13.48 -50.80 -2.64
C PHE A 316 12.64 -49.69 -1.99
N ILE A 317 12.31 -49.87 -0.73
CA ILE A 317 11.50 -48.92 -0.01
C ILE A 317 12.13 -48.27 1.21
N ASN A 318 12.75 -49.09 2.04
CA ASN A 318 13.41 -48.70 3.29
C ASN A 318 14.85 -48.23 3.07
N GLN A 319 15.11 -46.94 2.94
CA GLN A 319 16.50 -46.51 2.75
C GLN A 319 16.51 -45.13 3.30
N GLY A 320 15.30 -44.76 3.68
CA GLY A 320 15.00 -43.49 4.26
C GLY A 320 13.80 -43.78 5.14
N THR A 321 12.79 -42.93 5.03
CA THR A 321 11.63 -43.09 5.88
C THR A 321 10.62 -44.19 5.65
N LEU A 322 9.47 -44.09 6.27
CA LEU A 322 8.47 -45.12 6.09
C LEU A 322 7.15 -44.50 6.46
N THR A 323 7.25 -43.19 6.71
CA THR A 323 6.11 -42.40 7.15
C THR A 323 6.40 -40.93 7.03
N VAL A 324 5.37 -40.16 6.77
CA VAL A 324 5.55 -38.73 6.68
C VAL A 324 4.77 -38.06 7.80
N ASP A 325 5.36 -36.99 8.34
CA ASP A 325 4.76 -36.27 9.44
C ASP A 325 3.26 -36.04 9.32
N GLY A 326 2.75 -35.81 8.11
CA GLY A 326 1.32 -35.57 8.01
C GLY A 326 0.45 -36.64 7.35
N ILE A 327 1.03 -37.75 6.92
CA ILE A 327 0.28 -38.78 6.18
C ILE A 327 -0.29 -40.08 6.83
N ASP A 328 -1.55 -40.38 6.54
CA ASP A 328 -2.19 -41.60 7.05
C ASP A 328 -2.24 -42.64 5.92
N ASP A 329 -1.09 -43.16 5.53
CA ASP A 329 -1.10 -44.11 4.43
C ASP A 329 -2.28 -45.08 4.38
N GLU A 330 -2.87 -45.43 5.51
CA GLU A 330 -4.04 -46.30 5.44
C GLU A 330 -5.17 -45.60 4.73
N GLU A 331 -5.35 -44.31 5.01
CA GLU A 331 -6.42 -43.55 4.37
C GLU A 331 -6.08 -43.40 2.91
N GLU A 332 -5.02 -42.63 2.64
CA GLU A 332 -4.59 -42.42 1.27
C GLU A 332 -4.98 -43.61 0.41
N MET A 333 -4.45 -44.80 0.68
CA MET A 333 -4.80 -45.97 -0.12
C MET A 333 -6.33 -45.95 -0.36
N GLY A 334 -7.13 -46.24 0.65
CA GLY A 334 -8.58 -46.21 0.50
C GLY A 334 -9.05 -45.04 -0.36
N LEU A 335 -8.37 -43.90 -0.27
CA LEU A 335 -8.73 -42.77 -1.11
C LEU A 335 -8.31 -43.19 -2.49
N THR A 336 -7.00 -43.41 -2.66
CA THR A 336 -6.45 -43.85 -3.93
C THR A 336 -7.30 -44.96 -4.52
N ASP A 337 -7.67 -45.96 -3.74
CA ASP A 337 -8.47 -47.02 -4.31
C ASP A 337 -9.79 -46.48 -4.80
N THR A 338 -10.21 -45.32 -4.29
CA THR A 338 -11.48 -44.74 -4.75
C THR A 338 -11.27 -43.99 -6.08
N ALA A 339 -10.31 -43.06 -6.17
CA ALA A 339 -10.07 -42.40 -7.43
C ALA A 339 -10.06 -43.45 -8.54
N PHE A 340 -9.69 -44.69 -8.21
CA PHE A 340 -9.72 -45.70 -9.26
C PHE A 340 -11.18 -45.89 -9.64
N ASP A 341 -11.98 -46.52 -8.78
CA ASP A 341 -13.39 -46.72 -9.09
C ASP A 341 -14.05 -45.53 -9.79
N VAL A 342 -13.91 -44.33 -9.20
CA VAL A 342 -14.50 -43.16 -9.81
C VAL A 342 -13.98 -43.09 -11.26
N LEU A 343 -12.67 -43.15 -11.48
CA LEU A 343 -12.16 -43.12 -12.86
C LEU A 343 -12.59 -44.34 -13.67
N GLY A 344 -13.41 -45.22 -13.08
CA GLY A 344 -13.84 -46.38 -13.84
C GLY A 344 -12.77 -47.32 -14.37
N PHE A 345 -12.18 -48.08 -13.45
CA PHE A 345 -11.14 -49.07 -13.73
C PHE A 345 -11.70 -50.40 -13.22
N THR A 346 -11.35 -51.50 -13.85
CA THR A 346 -11.85 -52.81 -13.43
C THR A 346 -11.19 -53.31 -12.17
N ASP A 347 -11.90 -54.14 -11.42
CA ASP A 347 -11.30 -54.69 -10.23
C ASP A 347 -10.02 -55.29 -10.77
N GLU A 348 -10.16 -56.06 -11.85
CA GLU A 348 -9.03 -56.70 -12.50
C GLU A 348 -7.98 -55.71 -12.99
N GLU A 349 -8.40 -54.62 -13.61
CA GLU A 349 -7.41 -53.65 -14.09
C GLU A 349 -6.66 -53.14 -12.88
N LYS A 350 -7.40 -52.97 -11.81
CA LYS A 350 -6.84 -52.49 -10.56
C LYS A 350 -5.84 -53.48 -10.03
N LEU A 351 -6.28 -54.71 -9.78
CA LEU A 351 -5.35 -55.71 -9.28
C LEU A 351 -4.08 -55.55 -10.10
N SER A 352 -4.23 -55.68 -11.41
CA SER A 352 -3.11 -55.55 -12.35
C SER A 352 -2.18 -54.38 -12.10
N MET A 353 -2.71 -53.28 -11.60
CA MET A 353 -1.87 -52.12 -11.36
C MET A 353 -1.16 -52.23 -10.01
N TYR A 354 -1.59 -53.17 -9.18
CA TYR A 354 -0.98 -53.37 -7.87
C TYR A 354 0.14 -54.39 -7.98
N LYS A 355 -0.23 -55.58 -8.46
CA LYS A 355 0.73 -56.65 -8.64
C LYS A 355 1.98 -56.11 -9.32
N CYS A 356 1.80 -55.19 -10.27
CA CYS A 356 3.00 -54.67 -10.87
C CYS A 356 3.71 -53.90 -9.77
N THR A 357 2.99 -52.99 -9.10
CA THR A 357 3.62 -52.21 -8.05
C THR A 357 4.41 -53.16 -7.12
N GLY A 358 3.82 -54.31 -6.78
CA GLY A 358 4.47 -55.29 -5.92
C GLY A 358 5.74 -55.93 -6.47
N CYS A 359 5.70 -56.32 -7.74
CA CYS A 359 6.86 -56.93 -8.38
C CYS A 359 8.10 -56.07 -8.21
N ILE A 360 7.87 -54.78 -7.95
CA ILE A 360 8.94 -53.84 -7.77
C ILE A 360 9.48 -54.03 -6.36
N LEU A 361 8.65 -54.61 -5.49
CA LEU A 361 9.05 -54.90 -4.13
C LEU A 361 9.96 -56.09 -4.27
N HIS A 362 9.36 -57.24 -4.54
CA HIS A 362 10.09 -58.47 -4.71
C HIS A 362 11.39 -58.39 -5.52
N LEU A 363 11.45 -57.50 -6.48
CA LEU A 363 12.66 -57.37 -7.30
C LEU A 363 13.85 -57.12 -6.43
N GLY A 364 13.75 -56.08 -5.64
CA GLY A 364 14.84 -55.71 -4.76
C GLY A 364 15.09 -56.75 -3.69
N GLU A 365 14.30 -57.81 -3.66
CA GLU A 365 14.54 -58.81 -2.63
C GLU A 365 15.15 -60.09 -3.19
N MET A 366 15.54 -60.08 -4.45
CA MET A 366 16.18 -61.27 -4.97
C MET A 366 17.63 -61.10 -4.55
N LYS A 367 18.29 -62.18 -4.13
CA LYS A 367 19.69 -62.07 -3.75
C LYS A 367 20.47 -62.87 -4.80
N TRP A 368 21.72 -62.45 -5.06
CA TRP A 368 22.64 -63.06 -6.04
C TRP A 368 23.95 -63.45 -5.36
N LYS A 369 24.68 -64.36 -6.02
CA LYS A 369 26.00 -64.84 -5.57
C LYS A 369 26.71 -65.24 -6.86
N GLN A 370 28.02 -65.07 -6.94
CA GLN A 370 28.68 -65.49 -8.17
C GLN A 370 29.83 -66.47 -7.95
N ARG A 371 30.14 -67.27 -8.99
CA ARG A 371 31.21 -68.27 -8.97
C ARG A 371 32.01 -68.07 -10.28
N GLY A 372 32.79 -66.98 -10.35
CA GLY A 372 33.53 -66.62 -11.55
C GLY A 372 32.46 -65.87 -12.34
N GLU A 373 32.72 -64.70 -12.98
CA GLU A 373 31.65 -63.87 -13.66
C GLU A 373 30.26 -64.51 -13.88
N GLN A 374 29.93 -65.51 -13.09
CA GLN A 374 28.66 -66.18 -13.22
C GLN A 374 27.83 -66.05 -11.97
N ALA A 375 27.02 -64.99 -11.91
CA ALA A 375 26.17 -64.81 -10.74
C ALA A 375 25.20 -66.00 -10.74
N GLU A 376 24.38 -66.12 -9.71
CA GLU A 376 23.42 -67.21 -9.61
C GLU A 376 22.37 -66.80 -8.57
N ALA A 377 21.13 -67.25 -8.75
CA ALA A 377 20.12 -66.91 -7.77
C ALA A 377 20.66 -67.50 -6.49
N ASP A 378 19.84 -67.48 -5.45
CA ASP A 378 20.23 -68.06 -4.19
C ASP A 378 18.90 -68.55 -3.68
N GLY A 379 18.00 -67.58 -3.55
CA GLY A 379 16.66 -67.84 -3.11
C GLY A 379 15.79 -67.71 -4.34
N THR A 380 15.70 -68.78 -5.11
CA THR A 380 14.85 -68.77 -6.28
C THR A 380 13.52 -68.23 -5.76
N ALA A 381 13.24 -68.53 -4.49
CA ALA A 381 12.03 -68.10 -3.79
C ALA A 381 11.55 -66.69 -4.14
N GLU A 382 12.48 -65.76 -4.28
CA GLU A 382 12.09 -64.40 -4.65
C GLU A 382 11.61 -64.41 -6.11
N ALA A 383 12.54 -64.52 -7.04
CA ALA A 383 12.19 -64.55 -8.46
C ALA A 383 10.91 -65.35 -8.75
N GLU A 384 10.67 -66.41 -7.99
CA GLU A 384 9.47 -67.21 -8.20
C GLU A 384 8.25 -66.29 -8.13
N LYS A 385 8.19 -65.44 -7.11
CA LYS A 385 7.08 -64.49 -6.97
C LYS A 385 7.23 -63.56 -8.14
N VAL A 386 8.32 -62.80 -8.13
CA VAL A 386 8.53 -61.87 -9.22
C VAL A 386 7.94 -62.43 -10.51
N ALA A 387 8.18 -63.71 -10.75
CA ALA A 387 7.69 -64.42 -11.93
C ALA A 387 6.17 -64.53 -11.99
N PHE A 388 5.54 -64.79 -10.85
CA PHE A 388 4.09 -64.92 -10.77
C PHE A 388 3.42 -63.58 -10.96
N LEU A 389 4.13 -62.49 -10.76
CA LEU A 389 3.41 -61.28 -10.99
C LEU A 389 3.50 -61.09 -12.52
N LEU A 390 4.66 -60.79 -13.06
CA LEU A 390 4.82 -60.59 -14.49
C LEU A 390 4.23 -61.71 -15.38
N GLY A 391 3.67 -62.75 -14.76
CA GLY A 391 3.04 -63.80 -15.57
C GLY A 391 3.97 -64.60 -16.48
N VAL A 392 5.26 -64.58 -16.23
CA VAL A 392 6.09 -65.37 -17.08
C VAL A 392 6.45 -66.54 -16.23
N ASN A 393 7.64 -67.07 -16.49
CA ASN A 393 8.14 -68.19 -15.73
C ASN A 393 9.55 -67.97 -15.19
N ALA A 394 9.72 -68.51 -13.99
CA ALA A 394 10.96 -68.46 -13.23
C ALA A 394 12.25 -68.71 -13.99
N GLY A 395 12.51 -69.99 -14.26
CA GLY A 395 13.72 -70.40 -14.94
C GLY A 395 14.02 -69.58 -16.17
N ASP A 396 12.97 -69.41 -16.97
CA ASP A 396 13.09 -68.63 -18.17
C ASP A 396 13.44 -67.19 -17.80
N LEU A 397 12.86 -66.68 -16.73
CA LEU A 397 13.19 -65.33 -16.34
C LEU A 397 14.67 -65.23 -15.95
N LEU A 398 15.05 -66.00 -14.94
CA LEU A 398 16.43 -66.01 -14.43
C LEU A 398 17.47 -66.11 -15.55
N LYS A 399 17.24 -67.04 -16.47
CA LYS A 399 18.15 -67.22 -17.59
C LYS A 399 18.46 -65.89 -18.25
N CYS A 400 17.47 -65.31 -18.91
CA CYS A 400 17.65 -64.05 -19.63
C CYS A 400 18.46 -63.06 -18.82
N LEU A 401 18.34 -63.21 -17.51
CA LEU A 401 18.97 -62.41 -16.47
C LEU A 401 20.43 -62.67 -16.16
N LEU A 402 20.74 -63.93 -15.92
CA LEU A 402 22.07 -64.37 -15.62
C LEU A 402 22.91 -64.50 -16.88
N LYS A 403 22.41 -65.26 -17.87
CA LYS A 403 23.13 -65.43 -19.14
C LYS A 403 22.25 -64.92 -20.29
N PRO A 404 22.73 -63.90 -21.03
CA PRO A 404 21.87 -63.44 -22.14
C PRO A 404 22.42 -63.70 -23.55
N LYS A 405 21.54 -63.83 -24.53
CA LYS A 405 21.98 -64.02 -25.93
C LYS A 405 21.97 -62.71 -26.70
N ILE A 406 22.92 -61.82 -26.47
CA ILE A 406 22.90 -60.54 -27.17
C ILE A 406 22.68 -60.73 -28.68
N LYS A 407 23.64 -60.34 -29.48
CA LYS A 407 23.53 -60.43 -30.92
C LYS A 407 24.61 -59.47 -31.36
N VAL A 408 25.79 -60.08 -31.51
CA VAL A 408 26.99 -59.41 -31.94
C VAL A 408 26.85 -59.50 -33.45
N GLY A 409 26.30 -58.44 -34.01
CA GLY A 409 26.10 -58.32 -35.44
C GLY A 409 25.59 -59.53 -36.19
N THR A 410 26.53 -60.36 -36.63
CA THR A 410 26.21 -61.56 -37.38
C THR A 410 25.75 -62.72 -36.49
N GLU A 411 25.89 -62.60 -35.17
CA GLU A 411 25.48 -63.72 -34.29
C GLU A 411 24.78 -63.41 -32.97
N TYR A 412 24.05 -64.42 -32.48
CA TYR A 412 23.36 -64.36 -31.19
C TYR A 412 24.20 -65.26 -30.29
N VAL A 413 24.87 -64.62 -29.35
CA VAL A 413 25.80 -65.25 -28.43
C VAL A 413 25.18 -65.36 -27.05
N THR A 414 25.74 -66.19 -26.18
CA THR A 414 25.21 -66.24 -24.82
C THR A 414 26.27 -65.46 -24.10
N GLN A 415 26.04 -65.11 -22.85
CA GLN A 415 27.08 -64.39 -22.14
C GLN A 415 26.97 -64.62 -20.65
N GLY A 416 28.00 -64.21 -19.93
CA GLY A 416 27.99 -64.40 -18.49
C GLY A 416 27.85 -63.06 -17.80
N ARG A 417 26.97 -63.00 -16.79
CA ARG A 417 26.77 -61.77 -16.05
C ARG A 417 27.17 -61.92 -14.58
N ASN A 418 28.11 -61.09 -14.12
CA ASN A 418 28.52 -61.17 -12.71
C ASN A 418 27.52 -60.43 -11.82
N LYS A 419 27.49 -60.84 -10.56
CA LYS A 419 26.60 -60.26 -9.57
C LYS A 419 26.40 -58.75 -9.66
N ASP A 420 27.46 -57.98 -9.84
CA ASP A 420 27.25 -56.54 -9.93
C ASP A 420 26.32 -56.32 -11.08
N GLN A 421 26.68 -56.93 -12.21
CA GLN A 421 25.86 -56.83 -13.40
C GLN A 421 24.48 -57.38 -13.12
N VAL A 422 24.34 -58.69 -13.00
CA VAL A 422 23.01 -59.18 -12.73
C VAL A 422 22.29 -58.32 -11.71
N THR A 423 23.00 -57.51 -10.96
CA THR A 423 22.24 -56.68 -10.04
C THR A 423 21.80 -55.41 -10.68
N ASN A 424 22.78 -54.59 -11.04
CA ASN A 424 22.49 -53.35 -11.70
C ASN A 424 21.33 -53.60 -12.65
N SER A 425 21.36 -54.77 -13.29
CA SER A 425 20.30 -55.15 -14.21
C SER A 425 18.96 -55.21 -13.51
N ILE A 426 18.86 -55.88 -12.37
CA ILE A 426 17.56 -55.91 -11.76
C ILE A 426 17.02 -54.54 -11.38
N ALA A 427 17.88 -53.53 -11.40
CA ALA A 427 17.42 -52.19 -11.08
C ALA A 427 16.64 -51.71 -12.30
N ALA A 428 17.35 -51.41 -13.39
CA ALA A 428 16.72 -50.94 -14.65
C ALA A 428 15.35 -51.57 -14.86
N LEU A 429 15.26 -52.90 -14.75
CA LEU A 429 14.01 -53.59 -14.93
C LEU A 429 12.97 -53.09 -13.97
N ALA A 430 13.42 -52.58 -12.84
CA ALA A 430 12.48 -52.05 -11.87
C ALA A 430 12.19 -50.63 -12.31
N LYS A 431 13.25 -49.87 -12.59
CA LYS A 431 12.98 -48.53 -13.02
C LYS A 431 12.26 -48.54 -14.36
N SER A 432 12.28 -49.63 -15.12
CA SER A 432 11.58 -49.56 -16.40
C SER A 432 10.12 -49.92 -16.27
N LEU A 433 9.88 -50.96 -15.49
CA LEU A 433 8.55 -51.41 -15.22
C LEU A 433 7.69 -50.34 -14.53
N TYR A 434 8.30 -49.34 -13.88
CA TYR A 434 7.52 -48.28 -13.19
C TYR A 434 7.16 -47.29 -14.29
N ASP A 435 8.18 -46.65 -14.84
CA ASP A 435 7.97 -45.73 -15.92
C ASP A 435 6.83 -46.26 -16.80
N ARG A 436 7.01 -47.47 -17.35
CA ARG A 436 5.95 -48.06 -18.17
C ARG A 436 4.65 -47.98 -17.49
N MET A 437 4.69 -48.40 -16.25
CA MET A 437 3.47 -48.39 -15.50
C MET A 437 2.93 -46.99 -15.28
N PHE A 438 3.78 -46.01 -15.05
CA PHE A 438 3.27 -44.67 -14.86
C PHE A 438 2.46 -44.40 -16.13
N ASN A 439 3.20 -44.27 -17.24
CA ASN A 439 2.62 -44.00 -18.55
C ASN A 439 1.32 -44.71 -18.86
N TRP A 440 1.28 -46.00 -18.62
CA TRP A 440 0.07 -46.72 -18.91
C TRP A 440 -1.02 -46.13 -18.06
N LEU A 441 -0.66 -45.83 -16.82
CA LEU A 441 -1.65 -45.25 -15.96
C LEU A 441 -2.07 -43.89 -16.53
N VAL A 442 -1.13 -43.02 -16.90
CA VAL A 442 -1.60 -41.75 -17.49
C VAL A 442 -2.48 -42.09 -18.68
N ARG A 443 -1.88 -42.84 -19.59
CA ARG A 443 -2.54 -43.30 -20.81
C ARG A 443 -3.96 -43.79 -20.52
N ARG A 444 -4.14 -44.49 -19.42
CA ARG A 444 -5.45 -45.05 -19.13
C ARG A 444 -6.53 -44.12 -18.59
N VAL A 445 -6.11 -42.93 -18.18
CA VAL A 445 -7.01 -41.94 -17.63
C VAL A 445 -7.45 -41.11 -18.83
N ASN A 446 -6.44 -40.61 -19.56
CA ASN A 446 -6.64 -39.84 -20.76
C ASN A 446 -7.71 -40.61 -21.53
N GLN A 447 -7.64 -41.93 -21.44
CA GLN A 447 -8.61 -42.76 -22.11
C GLN A 447 -10.03 -42.54 -21.55
N THR A 448 -10.21 -42.34 -20.23
CA THR A 448 -11.58 -42.09 -19.72
C THR A 448 -12.00 -40.64 -19.77
N LEU A 449 -11.03 -39.74 -19.87
CA LEU A 449 -11.36 -38.33 -19.90
C LEU A 449 -11.66 -37.88 -21.30
N ASP A 450 -11.70 -38.85 -22.21
CA ASP A 450 -11.98 -38.61 -23.62
C ASP A 450 -13.40 -39.10 -23.91
N THR A 451 -14.38 -38.22 -23.74
CA THR A 451 -15.78 -38.55 -23.98
C THR A 451 -16.11 -38.51 -25.46
N LYS A 452 -15.48 -37.54 -26.12
CA LYS A 452 -15.70 -37.27 -27.54
C LYS A 452 -17.05 -36.61 -27.57
N ALA A 453 -16.98 -35.31 -27.40
CA ALA A 453 -18.12 -34.43 -27.40
C ALA A 453 -17.38 -33.26 -28.02
N LYS A 454 -18.08 -32.47 -28.82
CA LYS A 454 -17.43 -31.34 -29.50
C LYS A 454 -16.51 -30.51 -28.54
N ARG A 455 -15.37 -30.03 -29.05
CA ARG A 455 -14.41 -29.26 -28.22
C ARG A 455 -13.94 -27.90 -28.76
N GLN A 456 -14.68 -26.81 -28.54
CA GLN A 456 -14.22 -25.51 -29.04
C GLN A 456 -12.85 -25.08 -28.54
N PHE A 457 -12.67 -25.04 -27.24
CA PHE A 457 -11.36 -24.57 -26.74
C PHE A 457 -10.95 -25.24 -25.44
N PHE A 458 -9.77 -24.84 -24.96
CA PHE A 458 -9.27 -25.38 -23.71
C PHE A 458 -8.51 -24.34 -22.92
N ILE A 459 -8.46 -24.65 -21.62
CA ILE A 459 -7.73 -23.89 -20.64
C ILE A 459 -6.81 -25.03 -20.22
N GLY A 460 -5.50 -24.78 -20.16
CA GLY A 460 -4.61 -25.84 -19.76
C GLY A 460 -3.70 -25.42 -18.62
N VAL A 461 -3.69 -26.18 -17.52
CA VAL A 461 -2.87 -25.84 -16.36
C VAL A 461 -1.51 -26.50 -16.34
N LEU A 462 -0.56 -25.81 -15.73
CA LEU A 462 0.77 -26.37 -15.71
C LEU A 462 1.55 -26.35 -14.38
N ASP A 463 1.78 -27.53 -13.82
CA ASP A 463 2.57 -27.66 -12.59
C ASP A 463 3.91 -28.19 -12.98
N ILE A 464 4.94 -27.42 -12.66
CA ILE A 464 6.23 -27.85 -13.04
C ILE A 464 7.26 -27.05 -12.34
N ALA A 465 8.34 -27.71 -11.97
CA ALA A 465 9.44 -27.03 -11.32
C ALA A 465 9.81 -25.79 -12.11
N GLY A 466 10.53 -24.91 -11.44
CA GLY A 466 11.04 -23.71 -12.08
C GLY A 466 12.47 -24.17 -12.27
N PHE A 467 13.39 -23.26 -12.52
CA PHE A 467 14.76 -23.73 -12.70
C PHE A 467 15.28 -24.40 -11.44
N GLU A 468 15.75 -25.63 -11.60
CA GLU A 468 16.35 -26.38 -10.51
C GLU A 468 17.86 -26.08 -10.56
N ILE A 469 18.33 -25.08 -9.81
CA ILE A 469 19.78 -24.76 -9.79
C ILE A 469 20.31 -25.20 -8.42
N PHE A 470 21.21 -26.17 -8.36
CA PHE A 470 21.75 -26.62 -7.06
C PHE A 470 23.25 -26.55 -6.86
N ASP A 471 23.73 -27.21 -5.81
CA ASP A 471 25.17 -27.23 -5.55
C ASP A 471 25.82 -28.31 -6.43
N PHE A 472 25.16 -29.46 -6.60
CA PHE A 472 25.69 -30.44 -7.54
C PHE A 472 24.60 -30.73 -8.52
N ASN A 473 25.03 -30.51 -9.77
CA ASN A 473 24.21 -30.59 -10.95
C ASN A 473 24.52 -31.58 -12.06
N SER A 474 23.61 -32.54 -12.20
CA SER A 474 23.70 -33.57 -13.21
C SER A 474 22.63 -33.34 -14.27
N PHE A 475 22.37 -34.40 -15.05
CA PHE A 475 21.40 -34.50 -16.18
C PHE A 475 20.03 -33.94 -15.75
N GLU A 476 19.22 -34.82 -15.18
CA GLU A 476 17.90 -34.53 -14.64
C GLU A 476 17.76 -33.03 -14.28
N GLN A 477 18.87 -32.39 -13.96
CA GLN A 477 18.92 -30.95 -13.64
C GLN A 477 18.67 -30.11 -14.91
N LEU A 478 19.59 -30.29 -15.84
CA LEU A 478 19.56 -29.62 -17.14
C LEU A 478 18.21 -29.84 -17.79
N CYS A 479 17.73 -31.07 -17.71
CA CYS A 479 16.45 -31.28 -18.32
C CYS A 479 15.57 -30.14 -17.85
N ILE A 480 15.06 -30.23 -16.64
CA ILE A 480 14.20 -29.15 -16.15
C ILE A 480 14.70 -27.77 -16.44
N ASN A 481 15.97 -27.49 -16.19
CA ASN A 481 16.37 -26.13 -16.45
C ASN A 481 16.16 -25.72 -17.88
N TYR A 482 16.40 -26.63 -18.80
CA TYR A 482 16.21 -26.34 -20.21
C TYR A 482 14.69 -26.04 -20.40
N THR A 483 13.83 -26.91 -19.87
CA THR A 483 12.38 -26.71 -19.94
C THR A 483 11.93 -25.27 -19.62
N ASN A 484 12.24 -24.77 -18.43
CA ASN A 484 11.84 -23.41 -18.07
C ASN A 484 12.66 -22.44 -18.86
N GLU A 485 13.76 -22.91 -19.43
CA GLU A 485 14.56 -22.02 -20.23
C GLU A 485 13.60 -21.54 -21.33
N ARG A 486 12.72 -22.44 -21.82
CA ARG A 486 11.76 -22.09 -22.87
C ARG A 486 10.72 -21.20 -22.21
N LEU A 487 9.93 -21.85 -21.32
CA LEU A 487 8.86 -21.20 -20.61
C LEU A 487 9.31 -19.79 -20.23
N GLN A 488 10.57 -19.59 -19.89
CA GLN A 488 10.87 -18.23 -19.57
C GLN A 488 10.70 -17.30 -20.79
N GLN A 489 11.04 -17.70 -22.02
CA GLN A 489 10.85 -16.79 -23.17
C GLN A 489 9.39 -16.76 -23.68
N PHE A 490 8.67 -17.87 -23.52
CA PHE A 490 7.27 -17.86 -23.92
C PHE A 490 6.67 -16.66 -23.19
N PHE A 491 7.09 -16.47 -21.93
CA PHE A 491 6.60 -15.34 -21.14
C PHE A 491 7.16 -14.11 -21.79
N ASN A 492 8.49 -13.95 -21.74
CA ASN A 492 9.13 -12.77 -22.32
C ASN A 492 8.47 -12.42 -23.65
N HIS A 493 7.93 -13.44 -24.31
CA HIS A 493 7.27 -13.20 -25.57
C HIS A 493 5.97 -12.51 -25.28
N HIS A 494 5.08 -13.28 -24.65
CA HIS A 494 3.77 -12.84 -24.27
C HIS A 494 3.78 -11.45 -23.78
N MET A 495 4.81 -11.14 -23.04
CA MET A 495 4.85 -9.82 -22.54
C MET A 495 5.00 -8.96 -23.77
N PHE A 496 6.16 -8.95 -24.39
CA PHE A 496 6.39 -8.13 -25.61
C PHE A 496 5.14 -7.80 -26.41
N VAL A 497 4.38 -8.83 -26.76
CA VAL A 497 3.16 -8.69 -27.52
C VAL A 497 2.21 -7.71 -26.86
N LEU A 498 1.69 -8.20 -25.74
CA LEU A 498 0.73 -7.49 -24.90
C LEU A 498 1.18 -6.08 -24.53
N GLU A 499 2.45 -5.88 -24.23
CA GLU A 499 2.88 -4.54 -23.84
C GLU A 499 2.80 -3.60 -25.05
N GLN A 500 3.09 -4.14 -26.22
CA GLN A 500 3.05 -3.36 -27.47
C GLN A 500 1.59 -3.10 -27.84
N GLU A 501 0.77 -4.14 -27.71
CA GLU A 501 -0.64 -3.98 -28.01
C GLU A 501 -1.13 -2.83 -27.14
N GLU A 502 -1.02 -2.97 -25.83
CA GLU A 502 -1.48 -1.92 -24.93
C GLU A 502 -1.05 -0.51 -25.32
N TYR A 503 0.23 -0.26 -25.59
CA TYR A 503 0.63 1.08 -25.98
C TYR A 503 0.01 1.50 -27.31
N LYS A 504 -0.70 0.59 -27.96
CA LYS A 504 -1.35 0.95 -29.20
C LYS A 504 -2.73 1.41 -28.75
N LYS A 505 -3.46 0.54 -28.04
CA LYS A 505 -4.80 0.90 -27.56
C LYS A 505 -4.90 2.33 -27.01
N GLU A 506 -3.80 2.85 -26.45
CA GLU A 506 -3.75 4.19 -25.88
C GLU A 506 -3.06 5.12 -26.84
N GLY A 507 -2.56 4.53 -27.92
CA GLY A 507 -1.87 5.29 -28.93
C GLY A 507 -0.69 6.08 -28.40
N ILE A 508 0.19 5.41 -27.67
CA ILE A 508 1.37 6.09 -27.20
C ILE A 508 2.51 5.52 -28.03
N VAL A 509 3.17 6.39 -28.79
CA VAL A 509 4.28 5.98 -29.63
C VAL A 509 5.32 5.27 -28.79
N TRP A 510 5.82 4.14 -29.25
CA TRP A 510 6.90 3.50 -28.49
C TRP A 510 7.47 2.22 -29.10
N GLU A 511 8.79 2.13 -28.95
CA GLU A 511 9.63 1.06 -29.47
C GLU A 511 10.07 0.03 -28.42
N PHE A 512 9.92 -1.25 -28.77
CA PHE A 512 10.26 -2.37 -27.88
C PHE A 512 11.26 -3.42 -28.42
N ILE A 513 11.25 -4.62 -27.84
CA ILE A 513 12.15 -5.73 -28.22
C ILE A 513 11.78 -7.07 -27.53
N ASP A 514 11.45 -8.11 -28.29
CA ASP A 514 11.10 -9.41 -27.69
C ASP A 514 12.29 -10.04 -26.95
N PHE A 515 12.32 -9.95 -25.62
CA PHE A 515 13.44 -10.52 -24.85
C PHE A 515 13.55 -12.06 -24.91
N GLY A 516 12.62 -12.72 -25.61
CA GLY A 516 12.71 -14.17 -25.70
C GLY A 516 13.96 -14.41 -26.51
N LEU A 517 14.26 -13.47 -27.40
CA LEU A 517 15.45 -13.52 -28.22
C LEU A 517 16.61 -13.70 -27.30
N ASP A 518 16.47 -13.09 -26.14
CA ASP A 518 17.54 -13.20 -25.20
C ASP A 518 17.81 -14.66 -24.88
N LEU A 519 16.82 -15.40 -24.41
CA LEU A 519 17.08 -16.80 -24.13
C LEU A 519 17.28 -17.62 -25.38
N GLN A 520 17.61 -17.08 -26.54
CA GLN A 520 17.71 -18.05 -27.62
C GLN A 520 19.00 -18.85 -27.74
N ALA A 521 20.09 -18.42 -27.10
CA ALA A 521 21.34 -19.18 -27.20
C ALA A 521 21.29 -20.42 -26.33
N CYS A 522 21.12 -20.19 -25.04
CA CYS A 522 21.04 -21.28 -24.11
C CYS A 522 20.19 -22.37 -24.76
N ILE A 523 18.99 -22.01 -25.23
CA ILE A 523 18.08 -22.98 -25.85
C ILE A 523 18.53 -23.63 -27.13
N GLU A 524 19.32 -22.94 -27.93
CA GLU A 524 19.71 -23.59 -29.13
C GLU A 524 20.76 -24.59 -28.73
N LEU A 525 21.93 -24.11 -28.34
CA LEU A 525 22.97 -25.01 -27.90
C LEU A 525 22.40 -26.29 -27.27
N ILE A 526 21.40 -26.19 -26.42
CA ILE A 526 20.86 -27.42 -25.84
C ILE A 526 20.25 -28.38 -26.86
N GLU A 527 19.31 -27.88 -27.66
CA GLU A 527 18.56 -28.68 -28.66
C GLU A 527 18.96 -28.67 -30.16
N LYS A 528 19.78 -27.71 -30.60
CA LYS A 528 20.17 -27.62 -32.02
C LYS A 528 20.76 -28.96 -32.58
N PRO A 529 20.91 -29.10 -33.93
CA PRO A 529 21.44 -30.34 -34.53
C PRO A 529 22.69 -30.93 -33.88
N MET A 530 23.63 -30.10 -33.42
CA MET A 530 24.76 -30.71 -32.73
C MET A 530 25.32 -30.01 -31.53
N GLY A 531 24.42 -29.87 -30.56
CA GLY A 531 24.74 -29.27 -29.28
C GLY A 531 24.46 -30.35 -28.24
N ILE A 532 24.69 -30.03 -26.97
CA ILE A 532 24.47 -30.92 -25.85
C ILE A 532 23.55 -32.11 -26.16
N LEU A 533 22.28 -32.09 -25.78
CA LEU A 533 21.36 -33.20 -26.09
C LEU A 533 21.57 -34.01 -27.40
N SER A 534 22.01 -33.35 -28.47
CA SER A 534 22.17 -33.96 -29.81
C SER A 534 23.30 -34.96 -29.84
N ILE A 535 24.42 -34.49 -29.30
CA ILE A 535 25.65 -35.22 -29.16
C ILE A 535 25.34 -36.32 -28.19
N LEU A 536 24.56 -35.99 -27.17
CA LEU A 536 24.23 -36.98 -26.19
C LEU A 536 23.51 -38.15 -26.84
N GLU A 537 22.90 -37.95 -28.01
CA GLU A 537 22.20 -39.07 -28.63
C GLU A 537 23.18 -39.99 -29.32
N GLU A 538 24.25 -39.39 -29.83
CA GLU A 538 25.31 -40.10 -30.52
C GLU A 538 25.96 -41.00 -29.48
N GLU A 539 26.79 -40.43 -28.62
CA GLU A 539 27.44 -41.20 -27.56
C GLU A 539 26.55 -42.32 -27.09
N CYS A 540 25.35 -41.92 -26.70
CA CYS A 540 24.37 -42.84 -26.18
C CYS A 540 24.21 -44.03 -27.10
N MET A 541 24.65 -43.87 -28.35
CA MET A 541 24.54 -44.95 -29.32
C MET A 541 25.74 -45.87 -29.65
N PHE A 542 26.99 -45.51 -29.33
CA PHE A 542 28.13 -46.43 -29.61
C PHE A 542 28.56 -47.25 -28.41
N PRO A 543 27.91 -48.38 -28.09
CA PRO A 543 28.35 -49.17 -26.92
C PRO A 543 29.69 -48.75 -26.31
N LYS A 544 30.72 -48.63 -27.15
CA LYS A 544 32.04 -48.19 -26.72
C LYS A 544 31.95 -46.73 -26.26
N ALA A 545 30.87 -46.42 -25.54
CA ALA A 545 30.57 -45.08 -25.05
C ALA A 545 31.13 -44.75 -23.67
N SER A 546 31.88 -43.65 -23.55
CA SER A 546 32.42 -43.28 -22.26
C SER A 546 31.93 -41.91 -21.82
N ASP A 547 31.80 -41.72 -20.52
CA ASP A 547 31.40 -40.41 -20.10
C ASP A 547 32.59 -39.59 -20.60
N THR A 548 33.82 -39.97 -20.26
CA THR A 548 34.95 -39.16 -20.75
C THR A 548 34.79 -38.90 -22.25
N SER A 549 34.18 -39.86 -22.93
CA SER A 549 33.92 -39.80 -24.37
C SER A 549 32.98 -38.64 -24.59
N PHE A 550 31.89 -38.65 -23.81
CA PHE A 550 30.86 -37.64 -23.91
C PHE A 550 31.33 -36.19 -23.68
N LYS A 551 32.41 -35.95 -22.95
CA LYS A 551 32.79 -34.56 -22.82
C LYS A 551 33.75 -34.20 -23.90
N ASN A 552 34.39 -35.19 -24.49
CA ASN A 552 35.28 -34.87 -25.58
C ASN A 552 34.41 -34.32 -26.70
N LYS A 553 33.39 -35.07 -27.11
CA LYS A 553 32.54 -34.56 -28.17
C LYS A 553 32.00 -33.20 -27.72
N LEU A 554 31.29 -33.12 -26.59
CA LEU A 554 30.82 -31.81 -26.19
C LEU A 554 31.92 -30.75 -26.16
N TYR A 555 32.86 -30.85 -25.23
CA TYR A 555 33.93 -29.84 -25.17
C TYR A 555 34.36 -29.39 -26.53
N ASP A 556 34.71 -30.37 -27.36
CA ASP A 556 35.17 -30.13 -28.72
C ASP A 556 34.30 -29.14 -29.50
N ASN A 557 33.15 -29.65 -29.94
CA ASN A 557 32.18 -28.88 -30.70
C ASN A 557 32.01 -27.45 -30.16
N HIS A 558 31.47 -27.33 -28.95
CA HIS A 558 31.18 -26.03 -28.35
C HIS A 558 32.24 -25.27 -27.58
N LEU A 559 33.08 -25.99 -26.83
CA LEU A 559 34.11 -25.36 -25.98
C LEU A 559 34.01 -23.84 -25.95
N GLY A 560 35.13 -23.16 -26.09
CA GLY A 560 35.08 -21.71 -26.10
C GLY A 560 34.61 -21.30 -27.48
N LYS A 561 33.36 -21.63 -27.81
CA LYS A 561 32.86 -21.28 -29.13
C LYS A 561 31.41 -20.88 -29.17
N ASN A 562 30.75 -20.96 -28.02
CA ASN A 562 29.35 -20.59 -27.95
C ASN A 562 29.02 -20.00 -26.59
N PRO A 563 29.81 -19.01 -26.13
CA PRO A 563 29.61 -18.37 -24.83
C PRO A 563 28.79 -19.10 -23.77
N MET A 564 27.56 -19.46 -24.09
CA MET A 564 26.65 -20.16 -23.18
C MET A 564 27.19 -21.53 -22.81
N PHE A 565 28.46 -21.75 -23.15
CA PHE A 565 29.14 -23.00 -22.84
C PHE A 565 30.52 -22.68 -22.27
N GLY A 566 30.79 -23.15 -21.05
CA GLY A 566 32.08 -22.88 -20.45
C GLY A 566 32.58 -23.74 -19.30
N LYS A 567 33.78 -23.37 -18.83
CA LYS A 567 34.46 -24.03 -17.75
C LYS A 567 33.64 -23.93 -16.45
N PRO A 568 33.36 -25.08 -15.83
CA PRO A 568 32.59 -25.22 -14.59
C PRO A 568 33.34 -24.77 -13.35
N LYS A 569 32.62 -24.17 -12.41
CA LYS A 569 33.23 -23.73 -11.17
C LYS A 569 33.28 -24.97 -10.27
N PRO A 570 34.19 -24.96 -9.28
CA PRO A 570 34.47 -26.01 -8.30
C PRO A 570 33.87 -25.91 -6.88
N PRO A 571 33.89 -27.02 -6.10
CA PRO A 571 33.38 -27.01 -4.72
C PRO A 571 34.62 -26.80 -3.84
N LYS A 572 35.17 -27.87 -3.22
CA LYS A 572 36.41 -27.77 -2.40
C LYS A 572 37.15 -29.10 -2.55
N ALA A 573 36.45 -30.18 -2.23
CA ALA A 573 36.93 -31.56 -2.30
C ALA A 573 35.61 -32.30 -2.07
N GLY A 574 34.55 -31.52 -2.28
CA GLY A 574 33.19 -32.01 -2.07
C GLY A 574 32.27 -31.89 -3.29
N CYS A 575 31.04 -32.40 -3.16
CA CYS A 575 30.06 -32.39 -4.25
C CYS A 575 30.56 -33.32 -5.36
N ALA A 576 31.59 -32.89 -6.08
CA ALA A 576 32.24 -33.64 -7.16
C ALA A 576 32.63 -32.80 -8.38
N GLU A 577 33.30 -33.43 -9.33
CA GLU A 577 33.84 -32.80 -10.56
C GLU A 577 32.80 -32.28 -11.59
N ALA A 578 32.86 -30.98 -11.92
CA ALA A 578 31.91 -30.41 -12.90
C ALA A 578 32.60 -30.33 -14.25
N HIS A 579 31.84 -30.07 -15.30
CA HIS A 579 32.46 -30.07 -16.62
C HIS A 579 32.18 -28.86 -17.53
N PHE A 580 30.92 -28.56 -17.82
CA PHE A 580 30.65 -27.39 -18.68
C PHE A 580 29.58 -26.52 -18.02
N CYS A 581 29.74 -25.20 -18.01
CA CYS A 581 28.73 -24.38 -17.37
C CYS A 581 27.76 -23.74 -18.34
N LEU A 582 26.55 -24.28 -18.35
CA LEU A 582 25.51 -23.77 -19.22
C LEU A 582 24.86 -22.51 -18.68
N HIS A 583 25.41 -21.32 -18.91
CA HIS A 583 24.80 -20.07 -18.40
C HIS A 583 23.37 -19.92 -18.81
N HIS A 584 22.46 -19.79 -17.84
CA HIS A 584 21.05 -19.67 -18.20
C HIS A 584 20.36 -18.34 -18.04
N TYR A 585 19.08 -18.46 -17.70
CA TYR A 585 18.21 -17.33 -17.43
C TYR A 585 18.41 -17.07 -15.95
N ALA A 586 17.84 -17.99 -15.17
CA ALA A 586 17.94 -17.94 -13.72
C ALA A 586 19.30 -17.37 -13.37
N GLY A 587 20.32 -18.17 -13.66
CA GLY A 587 21.68 -17.75 -13.40
C GLY A 587 22.66 -18.40 -14.36
N SER A 588 23.27 -19.47 -13.86
CA SER A 588 24.26 -20.25 -14.59
C SER A 588 24.51 -21.47 -13.75
N VAL A 589 24.53 -22.61 -14.41
CA VAL A 589 24.72 -23.85 -13.73
C VAL A 589 26.00 -24.52 -14.18
N SER A 590 26.52 -25.38 -13.31
CA SER A 590 27.71 -26.15 -13.62
C SER A 590 27.19 -27.58 -13.65
N TYR A 591 27.41 -28.27 -14.76
CA TYR A 591 26.84 -29.62 -14.90
C TYR A 591 27.78 -30.83 -14.79
N SER A 592 27.24 -31.98 -14.40
CA SER A 592 28.05 -33.17 -14.25
C SER A 592 27.82 -34.16 -15.37
N ILE A 593 28.93 -34.60 -15.97
CA ILE A 593 28.87 -35.56 -17.05
C ILE A 593 28.51 -36.86 -16.39
N ALA A 594 28.69 -36.87 -15.08
CA ALA A 594 28.36 -37.98 -14.23
C ALA A 594 27.61 -39.21 -14.75
N GLY A 595 27.78 -39.62 -15.99
CA GLY A 595 27.06 -40.81 -16.42
C GLY A 595 25.66 -40.57 -17.00
N TRP A 596 25.55 -39.48 -17.75
CA TRP A 596 24.32 -39.10 -18.42
C TRP A 596 23.93 -40.21 -19.40
N LEU A 597 24.93 -40.80 -20.03
CA LEU A 597 24.69 -41.87 -20.98
C LEU A 597 23.95 -42.97 -20.27
N ASP A 598 24.38 -43.32 -19.07
CA ASP A 598 23.64 -44.37 -18.42
C ASP A 598 22.28 -43.78 -18.12
N LYS A 599 22.27 -42.65 -17.45
CA LYS A 599 21.02 -41.99 -17.10
C LYS A 599 20.05 -41.85 -18.27
N ASN A 600 20.51 -41.24 -19.35
CA ASN A 600 19.69 -41.03 -20.53
C ASN A 600 18.92 -42.24 -21.11
N LYS A 601 19.67 -43.17 -21.68
CA LYS A 601 19.11 -44.37 -22.33
C LYS A 601 18.72 -45.50 -21.40
N ASP A 602 17.49 -45.98 -21.53
CA ASP A 602 17.00 -47.07 -20.73
C ASP A 602 17.74 -48.39 -21.10
N PRO A 603 18.34 -49.11 -20.13
CA PRO A 603 19.02 -50.40 -20.43
C PRO A 603 17.94 -51.49 -20.24
N ILE A 604 18.25 -52.79 -20.13
CA ILE A 604 17.23 -53.85 -19.95
C ILE A 604 17.49 -55.03 -20.88
N ASN A 605 17.74 -56.21 -20.32
CA ASN A 605 17.98 -57.38 -21.15
C ASN A 605 16.89 -57.51 -22.17
N GLU A 606 17.15 -57.02 -23.37
CA GLU A 606 16.17 -57.13 -24.42
C GLU A 606 15.74 -58.60 -24.40
N ASN A 607 16.52 -59.44 -23.72
CA ASN A 607 16.17 -60.85 -23.57
C ASN A 607 14.93 -60.96 -22.71
N VAL A 608 14.95 -60.21 -21.62
CA VAL A 608 13.87 -60.16 -20.64
C VAL A 608 12.71 -59.47 -21.31
N VAL A 609 13.02 -58.39 -22.01
CA VAL A 609 12.00 -57.67 -22.71
C VAL A 609 11.22 -58.70 -23.51
N GLU A 610 11.89 -59.34 -24.47
CA GLU A 610 11.23 -60.33 -25.30
C GLU A 610 10.53 -61.45 -24.52
N LEU A 611 11.03 -61.82 -23.34
CA LEU A 611 10.35 -62.88 -22.61
C LEU A 611 9.06 -62.35 -21.97
N LEU A 612 9.01 -61.05 -21.74
CA LEU A 612 7.85 -60.39 -21.13
C LEU A 612 6.72 -60.30 -22.12
N GLN A 613 7.06 -59.91 -23.34
CA GLN A 613 6.07 -59.81 -24.39
C GLN A 613 5.22 -61.09 -24.46
N ASN A 614 5.16 -61.83 -23.36
CA ASN A 614 4.36 -63.05 -23.26
C ASN A 614 3.93 -63.20 -21.80
N SER A 615 2.64 -63.42 -21.49
CA SER A 615 2.28 -63.54 -20.05
C SER A 615 0.88 -63.32 -19.46
N LYS A 616 0.77 -62.11 -18.94
CA LYS A 616 -0.38 -61.53 -18.25
C LYS A 616 -0.38 -60.12 -18.85
N GLU A 617 -1.55 -59.65 -19.24
CA GLU A 617 -1.79 -58.38 -19.89
C GLU A 617 -1.00 -57.09 -19.68
N PRO A 618 -1.28 -56.33 -18.61
CA PRO A 618 -0.48 -55.10 -18.47
C PRO A 618 0.96 -55.32 -18.88
N ILE A 619 1.49 -56.49 -18.53
CA ILE A 619 2.85 -56.86 -18.90
C ILE A 619 2.92 -56.58 -20.37
N VAL A 620 2.06 -57.30 -21.06
CA VAL A 620 1.92 -57.20 -22.50
C VAL A 620 1.93 -55.71 -22.91
N LYS A 621 0.79 -55.01 -22.83
CA LYS A 621 0.75 -53.58 -23.20
C LYS A 621 2.01 -52.87 -22.79
N MET A 622 2.51 -53.21 -21.62
CA MET A 622 3.68 -52.55 -21.11
C MET A 622 4.99 -52.68 -21.86
N LEU A 623 5.36 -53.87 -22.29
CA LEU A 623 6.64 -54.03 -22.96
C LEU A 623 6.51 -54.29 -24.45
N PHE A 624 5.25 -54.41 -24.88
CA PHE A 624 4.80 -54.66 -26.24
C PHE A 624 4.85 -53.50 -27.22
N THR A 625 5.81 -52.61 -27.07
CA THR A 625 6.04 -51.52 -28.00
C THR A 625 5.16 -51.21 -29.25
N PRO A 626 4.59 -49.99 -29.36
CA PRO A 626 3.81 -49.55 -30.51
C PRO A 626 3.29 -48.11 -30.41
N ALA A 643 14.10 -47.85 -30.19
CA ALA A 643 15.49 -47.44 -30.31
C ALA A 643 15.73 -46.05 -29.74
N PHE A 644 14.65 -45.28 -29.58
CA PHE A 644 14.79 -43.93 -29.04
C PHE A 644 14.06 -43.80 -27.70
N GLN A 645 14.66 -44.34 -26.64
CA GLN A 645 14.03 -44.17 -25.34
C GLN A 645 14.92 -43.18 -24.63
N THR A 646 15.82 -42.54 -25.38
CA THR A 646 16.67 -41.60 -24.70
C THR A 646 15.71 -40.68 -23.96
N ILE A 647 15.81 -40.73 -22.64
CA ILE A 647 14.94 -39.91 -21.84
C ILE A 647 14.86 -38.50 -22.42
N SER A 648 15.87 -38.14 -23.22
CA SER A 648 15.92 -36.82 -23.84
C SER A 648 15.06 -36.73 -25.10
N SER A 649 15.31 -37.57 -26.10
CA SER A 649 14.53 -37.54 -27.35
C SER A 649 13.07 -37.36 -26.98
N VAL A 650 12.64 -38.18 -26.04
CA VAL A 650 11.27 -38.11 -25.57
C VAL A 650 10.98 -36.76 -24.94
N HIS A 651 11.91 -36.19 -24.19
CA HIS A 651 11.59 -34.91 -23.63
C HIS A 651 11.50 -33.85 -24.74
N LYS A 652 12.49 -33.72 -25.62
CA LYS A 652 12.34 -32.67 -26.67
C LYS A 652 11.04 -32.91 -27.45
N GLU A 653 10.70 -34.17 -27.73
CA GLU A 653 9.46 -34.54 -28.41
C GLU A 653 8.35 -33.81 -27.60
N SER A 654 7.93 -34.40 -26.48
CA SER A 654 6.91 -33.78 -25.63
C SER A 654 7.07 -32.28 -25.28
N LEU A 655 8.30 -31.83 -25.02
CA LEU A 655 8.44 -30.43 -24.70
C LEU A 655 7.75 -29.55 -25.73
N ASN A 656 7.93 -29.85 -27.02
CA ASN A 656 7.31 -29.06 -28.11
C ASN A 656 5.80 -29.13 -28.04
N LYS A 657 5.30 -30.35 -28.23
CA LYS A 657 3.88 -30.61 -28.17
C LYS A 657 3.32 -29.64 -27.13
N LEU A 658 4.13 -29.23 -26.15
CA LEU A 658 3.64 -28.26 -25.17
C LEU A 658 3.68 -26.83 -25.78
N MET A 659 4.86 -26.32 -26.14
CA MET A 659 4.99 -24.96 -26.71
C MET A 659 4.07 -24.59 -27.87
N LYS A 660 3.63 -25.59 -28.64
CA LYS A 660 2.71 -25.32 -29.74
C LYS A 660 1.43 -24.96 -28.96
N ASN A 661 1.03 -25.86 -28.06
CA ASN A 661 -0.14 -25.65 -27.21
C ASN A 661 -0.05 -24.34 -26.46
N LEU A 662 1.08 -24.06 -25.86
CA LEU A 662 1.14 -22.83 -25.12
C LEU A 662 1.16 -21.58 -25.95
N TYR A 663 1.63 -21.62 -27.18
CA TYR A 663 1.59 -20.36 -27.91
C TYR A 663 0.23 -20.24 -28.58
N SER A 664 -0.64 -21.23 -28.37
CA SER A 664 -1.94 -21.14 -28.96
C SER A 664 -2.92 -20.73 -27.89
N THR A 665 -2.40 -20.21 -26.78
CA THR A 665 -3.26 -19.83 -25.67
C THR A 665 -2.98 -18.47 -25.08
N HIS A 666 -3.95 -18.01 -24.29
CA HIS A 666 -3.80 -16.78 -23.55
C HIS A 666 -3.09 -17.36 -22.32
N PRO A 667 -1.88 -16.88 -22.04
CA PRO A 667 -1.07 -17.33 -20.91
C PRO A 667 -1.52 -16.55 -19.67
N HIS A 668 -1.47 -17.21 -18.53
CA HIS A 668 -1.89 -16.63 -17.27
C HIS A 668 -0.90 -17.11 -16.25
N PHE A 669 -0.27 -16.20 -15.52
CA PHE A 669 0.76 -16.64 -14.59
C PHE A 669 0.67 -16.65 -13.07
N VAL A 670 0.53 -17.84 -12.47
CA VAL A 670 0.53 -17.94 -11.00
C VAL A 670 1.95 -18.23 -10.50
N ARG A 671 2.66 -17.25 -9.96
CA ARG A 671 4.03 -17.48 -9.45
C ARG A 671 4.12 -17.94 -7.98
N CYS A 672 4.07 -19.25 -7.70
CA CYS A 672 4.18 -19.73 -6.33
C CYS A 672 5.48 -19.39 -5.64
N ILE A 673 5.40 -19.27 -4.31
CA ILE A 673 6.56 -18.90 -3.49
C ILE A 673 6.63 -19.66 -2.15
N ILE A 674 7.83 -20.15 -1.77
CA ILE A 674 8.00 -20.85 -0.48
C ILE A 674 8.43 -19.78 0.53
N PRO A 675 7.71 -19.67 1.64
CA PRO A 675 8.04 -18.65 2.61
C PRO A 675 9.32 -18.89 3.36
N ASN A 676 9.49 -20.13 3.81
CA ASN A 676 10.65 -20.42 4.63
C ASN A 676 10.85 -21.93 4.64
N GLU A 677 11.99 -22.37 5.16
CA GLU A 677 12.23 -23.79 5.20
C GLU A 677 11.23 -24.47 6.14
N LEU A 678 11.53 -24.42 7.44
CA LEU A 678 10.65 -25.02 8.49
C LEU A 678 9.19 -24.87 8.08
N LYS A 679 8.53 -25.97 7.77
CA LYS A 679 7.16 -25.89 7.29
C LYS A 679 6.17 -25.06 8.13
N THR A 680 6.50 -23.79 8.31
CA THR A 680 5.70 -22.91 9.17
C THR A 680 4.95 -21.64 8.78
N PRO A 681 3.66 -21.64 9.14
CA PRO A 681 2.66 -20.60 8.93
C PRO A 681 3.38 -19.26 9.21
N GLY A 682 2.87 -18.19 8.60
CA GLY A 682 3.46 -16.87 8.76
C GLY A 682 4.93 -16.80 9.18
N LEU A 683 5.85 -16.79 8.21
CA LEU A 683 7.26 -16.66 8.60
C LEU A 683 8.11 -16.38 7.37
N ILE A 684 8.72 -15.22 7.32
CA ILE A 684 9.48 -14.91 6.12
C ILE A 684 11.01 -14.96 6.16
N ASP A 685 11.60 -16.01 5.56
CA ASP A 685 13.07 -16.07 5.48
C ASP A 685 13.31 -15.07 4.37
N ALA A 686 13.45 -13.80 4.73
CA ALA A 686 13.69 -12.79 3.72
C ALA A 686 14.72 -13.28 2.71
N ALA A 687 15.85 -13.76 3.22
CA ALA A 687 16.92 -14.25 2.34
C ALA A 687 16.40 -15.17 1.24
N LEU A 688 15.71 -16.24 1.63
CA LEU A 688 15.13 -17.21 0.70
C LEU A 688 14.16 -16.60 -0.30
N VAL A 689 13.15 -15.90 0.25
CA VAL A 689 12.09 -15.23 -0.51
C VAL A 689 12.67 -14.23 -1.47
N LEU A 690 13.48 -13.32 -0.96
CA LEU A 690 14.08 -12.37 -1.84
C LEU A 690 14.90 -13.11 -2.93
N HIS A 691 15.24 -14.40 -2.70
CA HIS A 691 16.01 -15.19 -3.69
C HIS A 691 15.12 -15.53 -4.87
N GLN A 692 13.99 -16.12 -4.53
CA GLN A 692 13.02 -16.50 -5.53
C GLN A 692 12.68 -15.24 -6.27
N LEU A 693 12.28 -14.16 -5.59
CA LEU A 693 11.96 -13.01 -6.39
C LEU A 693 12.99 -12.75 -7.50
N ARG A 694 14.26 -13.09 -7.31
CA ARG A 694 15.22 -12.79 -8.38
C ARG A 694 15.50 -13.84 -9.47
N CYS A 695 14.69 -14.90 -9.52
CA CYS A 695 14.81 -15.96 -10.52
C CYS A 695 13.42 -16.47 -10.86
N ASN A 696 12.41 -15.62 -10.64
CA ASN A 696 11.01 -15.94 -10.94
C ASN A 696 10.71 -15.21 -12.21
N GLY A 697 11.09 -13.95 -12.12
CA GLY A 697 10.88 -13.00 -13.16
C GLY A 697 10.25 -11.83 -12.46
N VAL A 698 9.89 -11.96 -11.18
CA VAL A 698 9.25 -10.79 -10.56
C VAL A 698 10.17 -9.59 -10.56
N LEU A 699 11.45 -9.75 -10.25
CA LEU A 699 12.23 -8.53 -10.29
C LEU A 699 12.59 -8.14 -11.71
N GLU A 700 12.35 -9.02 -12.70
CA GLU A 700 12.65 -8.67 -14.10
C GLU A 700 11.54 -7.80 -14.69
N GLY A 701 10.27 -8.15 -14.50
CA GLY A 701 9.23 -7.28 -15.04
C GLY A 701 9.54 -5.88 -14.54
N ILE A 702 9.58 -5.74 -13.23
CA ILE A 702 9.90 -4.47 -12.58
C ILE A 702 11.14 -3.79 -13.17
N ARG A 703 12.16 -4.58 -13.52
CA ARG A 703 13.41 -4.03 -14.10
C ARG A 703 13.13 -3.52 -15.52
N ILE A 704 12.30 -4.27 -16.23
CA ILE A 704 11.92 -3.94 -17.60
C ILE A 704 10.88 -2.84 -17.68
N CYS A 705 9.82 -2.98 -16.90
CA CYS A 705 8.78 -1.97 -16.93
C CYS A 705 9.42 -0.61 -16.73
N ARG A 706 10.25 -0.49 -15.70
CA ARG A 706 10.93 0.76 -15.38
C ARG A 706 11.51 1.56 -16.53
N LYS A 707 12.09 0.91 -17.53
CA LYS A 707 12.61 1.69 -18.66
C LYS A 707 11.47 1.79 -19.66
N GLY A 708 10.29 2.02 -19.07
CA GLY A 708 9.04 2.19 -19.78
C GLY A 708 8.23 3.15 -18.93
N PHE A 709 6.91 3.00 -18.94
CA PHE A 709 6.07 3.85 -18.12
C PHE A 709 5.34 2.77 -17.36
N PRO A 710 5.92 2.33 -16.25
CA PRO A 710 5.29 1.27 -15.46
C PRO A 710 4.02 1.71 -14.77
N ASN A 711 3.91 3.02 -14.53
CA ASN A 711 2.74 3.60 -13.87
C ASN A 711 1.70 4.09 -14.86
N ARG A 712 0.58 3.36 -14.92
CA ARG A 712 -0.47 3.70 -15.85
C ARG A 712 -1.79 4.04 -15.17
N ILE A 713 -2.10 5.34 -15.09
CA ILE A 713 -3.32 5.82 -14.43
C ILE A 713 -4.53 6.17 -15.31
N ILE A 714 -5.66 5.58 -14.95
CA ILE A 714 -6.95 5.81 -15.62
C ILE A 714 -7.51 7.21 -15.31
N TYR A 715 -7.63 8.04 -16.34
CA TYR A 715 -8.12 9.41 -16.24
C TYR A 715 -9.08 9.79 -15.09
N SER A 716 -10.19 9.07 -14.92
CA SER A 716 -11.13 9.36 -13.83
C SER A 716 -10.35 9.38 -12.53
N GLU A 717 -9.89 8.18 -12.15
CA GLU A 717 -9.12 7.95 -10.93
C GLU A 717 -8.17 9.15 -10.78
N PHE A 718 -7.37 9.42 -11.80
CA PHE A 718 -6.45 10.52 -11.70
C PHE A 718 -7.07 11.88 -11.37
N LYS A 719 -8.32 12.12 -11.79
CA LYS A 719 -9.02 13.39 -11.54
C LYS A 719 -9.32 13.36 -10.04
N GLN A 720 -10.00 12.30 -9.60
CA GLN A 720 -10.34 12.24 -8.20
C GLN A 720 -9.19 12.35 -7.20
N ARG A 721 -7.96 12.55 -7.65
CA ARG A 721 -6.93 12.59 -6.63
C ARG A 721 -5.97 13.74 -6.69
N TYR A 722 -5.61 14.19 -7.89
CA TYR A 722 -4.67 15.28 -7.91
C TYR A 722 -5.25 16.61 -8.40
N SER A 723 -6.57 16.75 -8.49
CA SER A 723 -7.11 18.03 -8.96
C SER A 723 -6.68 19.10 -7.94
N ILE A 724 -6.85 18.73 -6.67
CA ILE A 724 -6.48 19.57 -5.55
C ILE A 724 -5.16 20.29 -5.79
N LEU A 725 -4.25 19.67 -6.53
CA LEU A 725 -2.97 20.32 -6.78
C LEU A 725 -3.22 21.65 -7.47
N ALA A 726 -4.13 21.65 -8.46
CA ALA A 726 -4.51 22.86 -9.26
C ALA A 726 -6.02 22.91 -9.46
N PRO A 727 -6.77 23.67 -8.65
CA PRO A 727 -8.12 23.41 -9.16
C PRO A 727 -8.88 24.59 -9.66
N ASN A 728 -10.17 24.33 -9.84
CA ASN A 728 -11.02 25.40 -10.27
C ASN A 728 -12.46 25.15 -9.98
N ALA A 729 -13.15 26.15 -10.52
CA ALA A 729 -14.56 26.40 -10.48
C ALA A 729 -15.48 25.47 -11.26
N VAL A 730 -14.98 24.78 -12.25
CA VAL A 730 -15.86 23.96 -13.06
C VAL A 730 -16.38 22.67 -12.41
N PRO A 731 -17.66 22.66 -11.97
CA PRO A 731 -18.23 21.45 -11.34
C PRO A 731 -17.52 20.19 -11.87
N SER A 732 -17.44 19.11 -11.10
CA SER A 732 -16.72 17.94 -11.59
C SER A 732 -17.39 17.16 -12.73
N GLY A 733 -18.69 16.90 -12.59
CA GLY A 733 -19.42 16.14 -13.60
C GLY A 733 -19.35 16.71 -15.01
N PHE A 734 -18.94 17.98 -15.15
CA PHE A 734 -18.84 18.60 -16.45
C PHE A 734 -17.40 18.67 -16.92
N ALA A 735 -16.46 18.34 -16.03
CA ALA A 735 -15.06 18.41 -16.47
C ALA A 735 -14.66 17.11 -17.16
N ASP A 736 -13.71 17.16 -18.11
CA ASP A 736 -13.26 15.94 -18.76
C ASP A 736 -11.90 15.53 -18.22
N GLY A 737 -11.88 14.28 -17.74
CA GLY A 737 -10.69 13.72 -17.15
C GLY A 737 -9.38 14.10 -17.82
N LYS A 738 -9.15 13.58 -19.03
CA LYS A 738 -7.91 13.87 -19.72
C LYS A 738 -7.54 15.35 -19.69
N VAL A 739 -8.53 16.22 -19.61
CA VAL A 739 -8.23 17.65 -19.62
C VAL A 739 -7.61 18.14 -18.34
N VAL A 740 -8.16 17.62 -17.25
CA VAL A 740 -7.77 17.93 -15.89
C VAL A 740 -6.30 17.54 -15.76
N THR A 741 -6.09 16.22 -15.78
CA THR A 741 -4.76 15.62 -15.70
C THR A 741 -3.75 16.52 -16.44
N ASP A 742 -4.02 16.77 -17.70
CA ASP A 742 -3.15 17.60 -18.49
C ASP A 742 -2.94 19.01 -17.91
N LYS A 743 -4.00 19.64 -17.35
CA LYS A 743 -3.85 20.98 -16.73
C LYS A 743 -3.01 20.84 -15.48
N ALA A 744 -3.41 19.83 -14.69
CA ALA A 744 -2.81 19.50 -13.41
C ALA A 744 -1.30 19.26 -13.49
N LEU A 745 -0.83 18.70 -14.61
CA LEU A 745 0.59 18.44 -14.79
C LEU A 745 1.29 19.70 -15.34
N SER A 746 0.83 20.21 -16.49
CA SER A 746 1.43 21.42 -17.07
C SER A 746 1.75 22.49 -15.99
N ALA A 747 0.77 22.79 -15.14
CA ALA A 747 0.92 23.80 -14.08
C ALA A 747 2.11 23.48 -13.18
N LEU A 748 2.13 22.23 -12.69
CA LEU A 748 3.16 21.69 -11.81
C LEU A 748 4.55 21.70 -12.40
N GLN A 749 4.62 21.94 -13.71
CA GLN A 749 5.89 22.03 -14.44
C GLN A 749 6.51 20.71 -14.93
N LEU A 750 5.93 19.56 -14.56
CA LEU A 750 6.44 18.24 -14.95
C LEU A 750 7.05 18.08 -16.33
N ASP A 751 8.16 17.35 -16.39
CA ASP A 751 8.86 17.09 -17.66
C ASP A 751 7.96 16.16 -18.50
N PRO A 752 7.77 16.48 -19.79
CA PRO A 752 6.94 15.69 -20.69
C PRO A 752 7.55 14.30 -20.89
N ASN A 753 8.84 14.20 -20.57
CA ASN A 753 9.60 12.95 -20.65
C ASN A 753 8.95 11.92 -19.74
N GLU A 754 8.60 12.38 -18.54
CA GLU A 754 8.03 11.56 -17.50
C GLU A 754 6.63 11.01 -17.74
N TYR A 755 5.87 11.61 -18.64
CA TYR A 755 4.55 11.01 -18.87
C TYR A 755 4.18 10.94 -20.33
N ARG A 756 3.15 10.15 -20.58
CA ARG A 756 2.59 9.93 -21.90
C ARG A 756 1.09 9.94 -21.62
N LEU A 757 0.34 10.89 -22.18
CA LEU A 757 -1.11 10.92 -21.95
C LEU A 757 -1.80 10.12 -23.08
N GLY A 758 -2.46 9.01 -22.74
CA GLY A 758 -3.10 8.20 -23.76
C GLY A 758 -4.57 8.48 -24.00
N ASN A 759 -5.30 7.51 -24.54
CA ASN A 759 -6.71 7.70 -24.77
C ASN A 759 -7.43 7.29 -23.53
N THR A 760 -6.78 6.50 -22.70
CA THR A 760 -7.47 6.08 -21.50
C THR A 760 -6.70 6.19 -20.20
N LYS A 761 -5.38 6.20 -20.26
CA LYS A 761 -4.55 6.31 -19.08
C LYS A 761 -3.51 7.37 -19.36
N VAL A 762 -2.82 7.79 -18.31
CA VAL A 762 -1.70 8.71 -18.51
C VAL A 762 -0.60 7.81 -17.98
N PHE A 763 0.45 7.71 -18.78
CA PHE A 763 1.57 6.87 -18.48
C PHE A 763 2.66 7.67 -17.84
N PHE A 764 3.05 7.20 -16.65
CA PHE A 764 4.07 7.83 -15.83
C PHE A 764 5.33 6.99 -15.60
N LYS A 765 6.47 7.67 -15.58
CA LYS A 765 7.77 7.08 -15.31
C LYS A 765 7.75 6.67 -13.82
N ALA A 766 8.87 6.53 -13.13
CA ALA A 766 8.76 6.07 -11.74
C ALA A 766 8.26 7.06 -10.68
N GLY A 767 9.12 7.99 -10.28
CA GLY A 767 8.80 8.95 -9.23
C GLY A 767 7.54 9.81 -9.31
N VAL A 768 6.90 9.82 -10.45
CA VAL A 768 5.72 10.63 -10.60
C VAL A 768 4.66 10.35 -9.52
N LEU A 769 3.95 9.24 -9.53
CA LEU A 769 2.96 9.08 -8.46
C LEU A 769 3.57 9.30 -7.07
N GLY A 770 4.89 9.23 -6.97
CA GLY A 770 5.53 9.47 -5.68
C GLY A 770 5.42 10.94 -5.31
N MET A 771 6.01 11.75 -6.17
CA MET A 771 6.01 13.20 -6.03
C MET A 771 4.58 13.73 -5.95
N LEU A 772 3.73 13.29 -6.88
CA LEU A 772 2.37 13.78 -6.84
C LEU A 772 1.82 13.57 -5.44
N GLU A 773 1.89 12.33 -4.94
CA GLU A 773 1.43 12.10 -3.59
C GLU A 773 2.06 13.09 -2.64
N ASP A 774 3.37 13.27 -2.78
CA ASP A 774 4.02 14.19 -1.91
C ASP A 774 3.38 15.57 -2.07
N MET A 775 3.65 16.21 -3.20
CA MET A 775 3.09 17.54 -3.44
C MET A 775 1.66 17.64 -2.99
N ARG A 776 0.97 16.51 -2.97
CA ARG A 776 -0.39 16.60 -2.55
C ARG A 776 -0.55 16.78 -1.06
N ASP A 777 -0.15 15.79 -0.26
CA ASP A 777 -0.34 15.96 1.17
C ASP A 777 0.23 17.28 1.62
N GLU A 778 1.30 17.71 0.95
CA GLU A 778 1.91 18.98 1.30
C GLU A 778 1.04 20.14 0.83
N ARG A 779 -0.08 19.81 0.22
CA ARG A 779 -1.01 20.81 -0.30
C ARG A 779 -2.18 20.86 0.67
N LEU A 780 -2.90 19.75 0.70
CA LEU A 780 -4.03 19.54 1.59
C LEU A 780 -3.68 20.16 2.94
N SER A 781 -2.41 20.03 3.34
CA SER A 781 -1.99 20.63 4.58
C SER A 781 -2.20 22.13 4.43
N LYS A 782 -1.39 22.77 3.58
CA LYS A 782 -1.52 24.22 3.37
C LYS A 782 -2.96 24.65 3.05
N ILE A 783 -3.75 23.82 2.38
CA ILE A 783 -5.10 24.27 2.11
C ILE A 783 -5.82 24.43 3.45
N ILE A 784 -5.88 23.37 4.26
CA ILE A 784 -6.55 23.47 5.54
C ILE A 784 -5.95 24.61 6.41
N SER A 785 -4.67 24.91 6.29
CA SER A 785 -4.12 25.99 7.10
C SER A 785 -4.86 27.23 6.63
N MET A 786 -5.00 27.36 5.31
CA MET A 786 -5.68 28.51 4.76
C MET A 786 -7.11 28.61 5.24
N PHE A 787 -7.84 27.50 5.31
CA PHE A 787 -9.18 27.63 5.81
C PHE A 787 -9.08 28.21 7.21
N GLN A 788 -8.34 27.49 8.07
CA GLN A 788 -8.14 27.91 9.47
C GLN A 788 -7.56 29.34 9.49
N ALA A 789 -7.17 29.86 8.34
CA ALA A 789 -6.68 31.23 8.31
C ALA A 789 -7.84 32.12 7.92
N HIS A 790 -8.84 31.58 7.22
CA HIS A 790 -10.02 32.40 6.95
C HIS A 790 -10.87 32.34 8.18
N ILE A 791 -10.62 31.35 9.03
CA ILE A 791 -11.42 31.28 10.23
C ILE A 791 -10.82 32.24 11.26
N ARG A 792 -9.49 32.33 11.30
CA ARG A 792 -8.81 33.24 12.20
C ARG A 792 -8.98 34.63 11.68
N GLY A 793 -9.78 34.76 10.62
CA GLY A 793 -9.98 36.07 10.03
C GLY A 793 -11.40 36.51 10.24
N TYR A 794 -12.29 35.53 10.29
CA TYR A 794 -13.70 35.80 10.51
C TYR A 794 -13.73 36.38 11.91
N LEU A 795 -13.41 35.47 12.84
CA LEU A 795 -13.39 35.75 14.25
C LEU A 795 -12.63 37.06 14.56
N MET A 796 -11.39 37.24 14.10
CA MET A 796 -10.72 38.49 14.43
C MET A 796 -11.50 39.65 13.86
N ARG A 797 -12.08 39.52 12.66
CA ARG A 797 -12.81 40.64 12.09
C ARG A 797 -14.02 41.07 12.94
N LYS A 798 -14.67 40.09 13.56
CA LYS A 798 -15.82 40.32 14.40
C LYS A 798 -15.54 41.17 15.63
N ALA A 799 -14.44 40.93 16.31
CA ALA A 799 -14.20 41.73 17.49
C ALA A 799 -13.65 43.07 17.07
N TYR A 800 -13.17 43.15 15.84
CA TYR A 800 -12.64 44.41 15.37
C TYR A 800 -13.83 45.38 15.48
N LYS A 801 -15.06 44.85 15.27
CA LYS A 801 -16.26 45.67 15.37
C LYS A 801 -16.11 46.21 16.78
N LYS A 802 -16.38 45.31 17.73
CA LYS A 802 -16.34 45.64 19.15
C LYS A 802 -15.19 46.54 19.64
N LEU A 803 -13.95 46.30 19.22
CA LEU A 803 -12.89 47.18 19.70
C LEU A 803 -12.90 48.52 19.04
N GLN A 804 -13.82 48.67 18.09
CA GLN A 804 -13.91 49.94 17.39
C GLN A 804 -14.87 50.82 18.14
N ASP A 805 -15.88 50.15 18.68
CA ASP A 805 -16.88 50.81 19.48
C ASP A 805 -16.21 51.12 20.82
N GLN A 806 -15.72 50.10 21.53
CA GLN A 806 -15.06 50.27 22.84
C GLN A 806 -13.92 51.26 22.92
N ARG A 807 -13.57 51.86 21.81
CA ARG A 807 -12.49 52.80 21.83
C ARG A 807 -13.10 54.17 21.86
N ILE A 808 -14.35 54.22 21.41
CA ILE A 808 -15.05 55.47 21.44
C ILE A 808 -15.46 55.55 22.91
N GLY A 809 -16.12 54.52 23.43
CA GLY A 809 -16.50 54.54 24.82
C GLY A 809 -15.30 55.05 25.61
N LEU A 810 -14.20 54.31 25.58
CA LEU A 810 -13.02 54.73 26.33
C LEU A 810 -12.50 56.14 26.09
N THR A 811 -12.30 56.60 24.86
CA THR A 811 -11.75 57.96 24.75
C THR A 811 -12.69 58.97 25.35
N LEU A 812 -13.94 58.54 25.51
CA LEU A 812 -14.95 59.40 26.07
C LEU A 812 -14.59 59.51 27.51
N ILE A 813 -14.80 58.42 28.24
CA ILE A 813 -14.42 58.36 29.64
C ILE A 813 -13.10 59.13 29.71
N GLN A 814 -12.06 58.45 29.25
CA GLN A 814 -10.71 58.97 29.22
C GLN A 814 -10.48 60.41 28.75
N ARG A 815 -11.53 61.16 28.44
CA ARG A 815 -11.30 62.55 28.04
C ARG A 815 -12.16 63.50 28.89
N ASN A 816 -13.18 62.94 29.51
CA ASN A 816 -14.09 63.71 30.35
C ASN A 816 -13.55 63.64 31.77
N VAL A 817 -13.27 62.42 32.21
CA VAL A 817 -12.69 62.17 33.53
C VAL A 817 -11.38 62.93 33.69
N ARG A 818 -10.77 63.30 32.58
CA ARG A 818 -9.53 64.08 32.65
C ARG A 818 -9.95 65.50 32.72
N LYS A 819 -10.98 65.86 31.96
CA LYS A 819 -11.44 67.23 31.95
C LYS A 819 -11.91 67.65 33.32
N TRP A 820 -12.45 66.66 33.99
CA TRP A 820 -12.99 66.81 35.30
C TRP A 820 -11.94 67.02 36.36
N LEU A 821 -10.90 66.18 36.30
CA LEU A 821 -9.85 66.33 37.27
C LEU A 821 -9.48 67.80 37.26
N VAL A 822 -9.48 68.44 36.09
CA VAL A 822 -9.09 69.83 36.10
C VAL A 822 -10.19 70.83 36.44
N LEU A 823 -11.29 70.36 37.01
CA LEU A 823 -12.35 71.30 37.38
C LEU A 823 -12.86 71.08 38.80
N ARG A 824 -12.70 69.86 39.30
CA ARG A 824 -13.16 69.57 40.63
C ARG A 824 -12.52 70.52 41.66
N ASN A 825 -11.46 71.23 41.26
CA ASN A 825 -10.77 72.19 42.15
C ASN A 825 -10.73 73.61 41.61
N TRP A 826 -11.73 74.02 40.83
CA TRP A 826 -11.77 75.39 40.27
C TRP A 826 -12.87 76.13 41.05
N GLU A 827 -12.47 77.09 41.88
CA GLU A 827 -13.38 77.84 42.73
C GLU A 827 -14.65 78.29 42.01
N TRP A 828 -14.51 78.88 40.82
CA TRP A 828 -15.67 79.30 40.05
C TRP A 828 -16.56 78.11 39.81
N TRP A 829 -15.92 77.03 39.40
CA TRP A 829 -16.65 75.82 39.07
C TRP A 829 -17.57 75.30 40.17
N ARG A 830 -17.00 74.89 41.31
CA ARG A 830 -17.80 74.35 42.41
C ARG A 830 -18.94 75.30 42.78
N LEU A 831 -18.72 76.60 42.57
CA LEU A 831 -19.75 77.59 42.85
C LEU A 831 -20.85 77.29 41.87
N PHE A 832 -20.62 77.62 40.59
CA PHE A 832 -21.64 77.37 39.58
C PHE A 832 -22.46 76.14 39.99
N ASN A 833 -21.78 75.05 40.35
CA ASN A 833 -22.45 73.80 40.73
C ASN A 833 -23.62 73.82 41.71
N LYS A 834 -23.47 74.39 42.91
CA LYS A 834 -24.60 74.38 43.83
C LYS A 834 -25.55 75.54 43.57
N VAL A 835 -25.07 76.52 42.82
CA VAL A 835 -25.88 77.66 42.50
C VAL A 835 -26.72 77.29 41.27
N LYS A 836 -26.53 76.06 40.78
CA LYS A 836 -27.26 75.54 39.64
C LYS A 836 -28.69 75.17 40.06
N PRO A 837 -28.83 74.18 40.96
CA PRO A 837 -30.16 73.78 41.42
C PRO A 837 -30.96 75.01 41.81
N LEU A 838 -30.26 76.15 41.84
CA LEU A 838 -30.83 77.42 42.23
C LEU A 838 -31.69 78.08 41.16
N LEU A 839 -32.75 77.38 40.76
CA LEU A 839 -33.71 77.85 39.76
C LEU A 839 -35.02 77.07 39.99
N ARG B 7 -18.69 68.48 21.82
CA ARG B 7 -17.24 68.72 22.05
C ARG B 7 -16.73 70.13 21.71
N VAL B 8 -16.04 70.72 22.67
CA VAL B 8 -15.39 72.05 22.60
C VAL B 8 -16.19 73.32 22.30
N LYS B 9 -15.46 74.39 22.55
CA LYS B 9 -15.78 75.78 22.39
C LYS B 9 -17.12 76.44 22.11
N LEU B 10 -18.20 76.04 22.81
CA LEU B 10 -19.48 76.76 22.71
C LEU B 10 -20.71 76.22 23.57
N SER B 11 -21.78 75.64 22.99
CA SER B 11 -23.00 75.08 23.67
C SER B 11 -24.14 75.98 24.23
N GLN B 12 -25.33 75.74 23.66
CA GLN B 12 -26.61 76.39 23.94
C GLN B 12 -27.08 76.47 25.41
N ARG B 13 -27.69 75.39 25.92
CA ARG B 13 -28.18 75.33 27.31
C ARG B 13 -27.01 75.76 28.17
N GLN B 14 -25.91 75.03 28.01
CA GLN B 14 -24.70 75.31 28.77
C GLN B 14 -24.44 76.81 28.90
N MET B 15 -24.44 77.55 27.80
CA MET B 15 -24.21 78.99 27.88
C MET B 15 -25.31 79.66 28.72
N GLN B 16 -26.57 79.46 28.33
CA GLN B 16 -27.69 80.08 29.03
C GLN B 16 -27.63 79.84 30.53
N GLU B 17 -27.11 78.67 30.90
CA GLU B 17 -27.01 78.36 32.30
C GLU B 17 -25.94 79.25 32.90
N LEU B 18 -24.88 79.53 32.15
CA LEU B 18 -23.85 80.41 32.65
C LEU B 18 -24.47 81.81 32.65
N LYS B 19 -25.49 82.00 31.81
CA LYS B 19 -26.23 83.28 31.69
C LYS B 19 -27.05 83.51 32.96
N GLU B 20 -27.95 82.57 33.25
CA GLU B 20 -28.77 82.69 34.44
C GLU B 20 -27.84 82.65 35.65
N ALA B 21 -26.79 81.84 35.54
CA ALA B 21 -25.80 81.71 36.61
C ALA B 21 -25.27 83.09 36.92
N PHE B 22 -24.85 83.78 35.86
CA PHE B 22 -24.31 85.11 35.99
C PHE B 22 -25.41 86.04 36.48
N THR B 23 -26.64 85.54 36.54
CA THR B 23 -27.70 86.43 37.01
C THR B 23 -27.96 86.34 38.49
N MET B 24 -27.77 85.19 39.10
CA MET B 24 -28.01 85.21 40.52
C MET B 24 -26.91 85.99 41.23
N ILE B 25 -25.90 86.39 40.47
CA ILE B 25 -24.79 87.10 41.06
C ILE B 25 -24.99 88.60 41.09
N ASP B 26 -25.61 89.20 40.07
CA ASP B 26 -25.81 90.63 40.15
C ASP B 26 -27.15 91.01 40.75
N GLN B 27 -27.99 90.04 41.14
CA GLN B 27 -29.27 90.47 41.71
C GLN B 27 -28.87 91.06 43.01
N ASP B 28 -27.65 90.71 43.34
CA ASP B 28 -27.05 91.23 44.50
C ASP B 28 -26.56 92.55 43.89
N ARG B 29 -27.30 92.94 42.83
CA ARG B 29 -27.19 94.18 42.03
C ARG B 29 -26.80 94.20 40.54
N ASP B 30 -27.79 94.62 39.74
CA ASP B 30 -27.78 94.74 38.28
C ASP B 30 -26.60 95.49 37.67
N GLY B 31 -25.64 95.82 38.51
CA GLY B 31 -24.46 96.54 38.07
C GLY B 31 -23.29 95.62 37.83
N PHE B 32 -23.52 94.33 38.07
CA PHE B 32 -22.44 93.34 37.93
C PHE B 32 -21.70 93.53 39.21
N ILE B 33 -22.53 93.81 40.21
CA ILE B 33 -22.11 94.08 41.54
C ILE B 33 -21.57 92.74 42.08
N GLY B 34 -20.28 92.65 41.75
CA GLY B 34 -19.36 91.54 41.98
C GLY B 34 -19.01 91.02 43.35
N MET B 35 -17.85 91.42 43.88
CA MET B 35 -17.43 90.93 45.19
C MET B 35 -18.51 91.20 46.20
N GLU B 36 -19.06 92.41 46.10
CA GLU B 36 -20.09 92.77 47.03
C GLU B 36 -21.08 91.63 47.04
N ASP B 37 -21.27 91.00 45.88
CA ASP B 37 -22.20 89.91 45.86
C ASP B 37 -21.53 88.55 45.74
N LEU B 38 -20.21 88.55 45.51
CA LEU B 38 -19.45 87.31 45.45
C LEU B 38 -19.61 86.92 46.91
N LYS B 39 -19.31 87.90 47.76
CA LYS B 39 -19.44 87.75 49.20
C LYS B 39 -20.88 87.26 49.42
N ASP B 40 -21.85 88.10 49.04
CA ASP B 40 -23.29 87.85 49.19
C ASP B 40 -23.93 86.62 48.48
N MET B 41 -23.30 86.00 47.48
CA MET B 41 -23.92 84.81 46.86
C MET B 41 -23.49 83.53 47.56
N PHE B 42 -22.37 83.61 48.27
CA PHE B 42 -21.83 82.48 49.01
C PHE B 42 -22.52 82.44 50.36
N SER B 43 -23.00 83.61 50.76
CA SER B 43 -23.70 83.79 52.01
C SER B 43 -25.06 83.08 52.07
N SER B 44 -25.78 83.02 50.96
CA SER B 44 -27.06 82.34 50.98
C SER B 44 -26.86 80.83 50.80
N LEU B 45 -25.63 80.42 50.51
CA LEU B 45 -25.34 79.01 50.29
C LEU B 45 -25.02 78.22 51.56
N GLY B 46 -23.88 78.51 52.18
CA GLY B 46 -23.53 77.80 53.38
C GLY B 46 -22.13 77.95 53.97
N ARG B 47 -21.26 78.80 53.39
CA ARG B 47 -19.91 78.98 53.94
C ARG B 47 -19.26 80.37 53.66
N VAL B 48 -18.32 80.77 54.53
CA VAL B 48 -17.59 82.08 54.49
C VAL B 48 -16.24 82.15 53.70
N PRO B 49 -16.05 83.18 52.82
CA PRO B 49 -14.81 83.34 52.02
C PRO B 49 -13.81 84.50 52.32
N PRO B 50 -12.49 84.21 52.35
CA PRO B 50 -11.45 85.22 52.61
C PRO B 50 -11.45 86.37 51.60
N ASP B 51 -10.51 87.30 51.73
CA ASP B 51 -10.43 88.38 50.75
C ASP B 51 -9.55 87.87 49.61
N ASP B 52 -8.29 88.31 49.50
CA ASP B 52 -7.38 87.85 48.43
C ASP B 52 -7.94 86.97 47.29
N GLU B 53 -8.95 86.14 47.58
CA GLU B 53 -9.62 85.26 46.62
C GLU B 53 -10.62 86.11 45.84
N LEU B 54 -11.44 86.83 46.61
CA LEU B 54 -12.43 87.71 46.02
C LEU B 54 -11.62 88.55 45.02
N ASN B 55 -10.42 89.00 45.37
CA ASN B 55 -9.60 89.81 44.45
C ASN B 55 -8.58 89.04 43.59
N ALA B 56 -8.76 87.73 43.41
CA ALA B 56 -7.88 86.94 42.53
C ALA B 56 -8.83 86.04 41.78
N MET B 57 -9.91 85.69 42.47
CA MET B 57 -10.92 84.88 41.84
C MET B 57 -11.31 85.75 40.66
N LEU B 58 -11.58 87.02 40.92
CA LEU B 58 -11.98 87.92 39.85
C LEU B 58 -10.96 88.23 38.80
N LYS B 59 -9.69 88.32 39.17
CA LYS B 59 -8.74 88.71 38.16
C LYS B 59 -8.08 87.57 37.41
N GLU B 60 -8.81 86.47 37.31
CA GLU B 60 -8.37 85.32 36.53
C GLU B 60 -8.84 85.77 35.14
N CYS B 61 -9.69 86.79 35.16
CA CYS B 61 -10.23 87.48 33.99
C CYS B 61 -9.54 88.85 34.08
N PRO B 62 -9.24 89.50 32.95
CA PRO B 62 -8.56 90.81 33.00
C PRO B 62 -9.34 92.06 33.39
N GLY B 63 -10.06 92.59 32.39
CA GLY B 63 -10.86 93.80 32.55
C GLY B 63 -12.09 93.46 33.36
N GLN B 64 -13.24 93.24 32.75
CA GLN B 64 -14.32 92.91 33.66
C GLN B 64 -15.21 91.74 33.37
N LEU B 65 -15.53 91.04 34.45
CA LEU B 65 -16.35 89.87 34.29
C LEU B 65 -17.77 90.26 33.91
N ASN B 66 -17.84 90.74 32.68
CA ASN B 66 -19.10 91.11 32.04
C ASN B 66 -19.57 89.71 31.67
N PHE B 67 -20.65 89.58 30.93
CA PHE B 67 -21.14 88.24 30.62
C PHE B 67 -20.37 87.52 29.53
N THR B 68 -20.25 88.20 28.39
CA THR B 68 -19.50 87.68 27.28
C THR B 68 -18.21 87.16 27.88
N ALA B 69 -17.53 88.02 28.64
CA ALA B 69 -16.29 87.64 29.29
C ALA B 69 -16.53 86.56 30.35
N PHE B 70 -17.67 86.61 31.04
CA PHE B 70 -17.97 85.60 32.05
C PHE B 70 -18.03 84.28 31.34
N LEU B 71 -18.29 84.31 30.04
CA LEU B 71 -18.35 83.06 29.32
C LEU B 71 -16.93 82.59 28.95
N THR B 72 -16.00 83.51 28.68
CA THR B 72 -14.63 83.12 28.31
C THR B 72 -13.85 82.34 29.39
N LEU B 73 -13.99 82.70 30.67
CA LEU B 73 -13.28 81.95 31.71
C LEU B 73 -13.93 80.60 31.88
N PHE B 74 -15.17 80.52 31.46
CA PHE B 74 -15.84 79.27 31.61
C PHE B 74 -15.56 78.33 30.47
N GLY B 75 -15.42 78.85 29.25
CA GLY B 75 -15.14 78.01 28.09
C GLY B 75 -13.81 77.26 28.21
N GLU B 76 -12.71 78.02 28.25
CA GLU B 76 -11.37 77.48 28.35
C GLU B 76 -11.32 76.31 29.33
N LYS B 77 -12.43 76.12 30.03
CA LYS B 77 -12.56 75.06 31.02
C LYS B 77 -13.65 74.01 30.69
N VAL B 78 -14.47 74.15 29.65
CA VAL B 78 -15.47 73.09 29.42
C VAL B 78 -15.44 72.38 28.03
N SER B 79 -14.35 72.55 27.27
CA SER B 79 -14.18 72.00 25.91
C SER B 79 -14.17 70.49 25.69
N GLY B 80 -15.18 69.78 26.19
CA GLY B 80 -15.23 68.34 25.98
C GLY B 80 -16.35 67.72 26.78
N THR B 81 -16.90 68.50 27.69
CA THR B 81 -17.96 68.06 28.56
C THR B 81 -19.13 67.47 27.74
N ASP B 82 -18.77 66.48 26.91
CA ASP B 82 -19.65 65.74 26.01
C ASP B 82 -20.98 65.40 26.66
N PRO B 83 -22.11 65.62 25.97
CA PRO B 83 -23.42 65.29 26.55
C PRO B 83 -23.42 64.12 27.56
N GLU B 84 -24.51 63.95 28.31
CA GLU B 84 -24.62 62.93 29.35
C GLU B 84 -24.64 61.46 28.94
N ASP B 85 -25.64 61.10 28.16
CA ASP B 85 -25.78 59.72 27.74
C ASP B 85 -24.62 59.33 26.87
N ALA B 86 -24.01 60.32 26.21
CA ALA B 86 -22.86 59.98 25.40
C ALA B 86 -21.82 59.50 26.42
N LEU B 87 -21.92 59.99 27.65
CA LEU B 87 -20.99 59.62 28.72
C LEU B 87 -21.45 58.47 29.61
N ARG B 88 -22.75 58.33 29.83
CA ARG B 88 -23.22 57.23 30.66
C ARG B 88 -23.04 55.93 29.90
N ASN B 89 -23.18 55.98 28.58
CA ASN B 89 -23.05 54.77 27.77
C ASN B 89 -21.59 54.31 27.66
N ALA B 90 -20.65 55.25 27.55
CA ALA B 90 -19.25 54.89 27.48
C ALA B 90 -19.01 53.82 28.54
N PHE B 91 -19.19 54.19 29.80
CA PHE B 91 -19.01 53.26 30.91
C PHE B 91 -19.77 51.96 30.73
N SER B 92 -20.89 52.02 30.02
CA SER B 92 -21.69 50.84 29.80
C SER B 92 -20.93 49.84 28.95
N MET B 93 -20.16 50.38 28.00
CA MET B 93 -19.41 49.53 27.10
C MET B 93 -18.46 48.56 27.80
N PHE B 94 -17.87 49.01 28.92
CA PHE B 94 -16.94 48.16 29.64
C PHE B 94 -17.53 47.73 30.98
N ASP B 95 -18.60 46.96 30.92
CA ASP B 95 -19.25 46.42 32.11
C ASP B 95 -20.13 45.29 31.61
N GLU B 96 -20.97 45.62 30.62
CA GLU B 96 -21.93 44.67 30.08
C GLU B 96 -22.17 43.49 31.02
N ASP B 97 -22.32 43.82 32.31
CA ASP B 97 -22.62 42.85 33.36
C ASP B 97 -24.08 43.15 33.65
N GLY B 98 -24.44 44.42 33.59
CA GLY B 98 -25.84 44.77 33.80
C GLY B 98 -26.09 45.75 34.92
N GLN B 99 -25.64 45.42 36.13
CA GLN B 99 -25.82 46.33 37.25
C GLN B 99 -25.16 47.64 36.82
N GLY B 100 -24.63 48.43 37.74
CA GLY B 100 -24.02 49.66 37.26
C GLY B 100 -22.55 49.74 37.59
N PHE B 101 -21.75 48.75 37.17
CA PHE B 101 -20.33 48.78 37.55
C PHE B 101 -19.19 48.18 36.72
N ILE B 102 -18.04 48.80 36.94
CA ILE B 102 -16.77 48.44 36.35
C ILE B 102 -15.94 48.05 37.59
N PRO B 103 -15.18 46.93 37.51
CA PRO B 103 -14.38 46.54 38.67
C PRO B 103 -13.14 47.40 38.82
N GLU B 104 -12.69 47.56 40.06
CA GLU B 104 -11.49 48.31 40.37
C GLU B 104 -10.41 47.81 39.44
N ASP B 105 -10.07 46.53 39.64
CA ASP B 105 -9.05 45.86 38.87
C ASP B 105 -9.13 46.14 37.38
N TYR B 106 -10.32 45.98 36.81
CA TYR B 106 -10.48 46.27 35.38
C TYR B 106 -10.12 47.74 35.24
N LEU B 107 -11.13 48.61 35.31
CA LEU B 107 -11.00 50.06 35.22
C LEU B 107 -9.58 50.58 35.42
N LYS B 108 -8.88 50.05 36.41
CA LYS B 108 -7.49 50.45 36.64
C LYS B 108 -6.64 50.12 35.38
N ASP B 109 -6.54 48.86 34.90
CA ASP B 109 -5.74 48.56 33.66
C ASP B 109 -6.26 49.61 32.67
N LEU B 110 -7.58 49.57 32.47
CA LEU B 110 -8.28 50.47 31.56
C LEU B 110 -7.81 51.91 31.38
N LEU B 111 -7.91 52.71 32.44
CA LEU B 111 -7.50 54.10 32.37
C LEU B 111 -6.02 54.27 32.47
N GLU B 112 -5.33 53.22 32.91
CA GLU B 112 -3.92 53.32 33.14
C GLU B 112 -2.94 52.74 32.12
N ASN B 113 -3.38 51.72 31.39
CA ASN B 113 -2.53 51.06 30.41
C ASN B 113 -2.99 51.25 29.00
N MET B 114 -4.29 51.12 28.80
CA MET B 114 -4.89 51.24 27.48
C MET B 114 -5.39 52.65 27.22
N GLY B 115 -5.71 52.93 25.96
CA GLY B 115 -6.19 54.25 25.60
C GLY B 115 -5.07 55.27 25.63
N ASP B 116 -5.40 56.55 25.79
CA ASP B 116 -4.37 57.60 25.86
C ASP B 116 -3.75 57.56 27.26
N ASN B 117 -3.43 56.35 27.72
CA ASN B 117 -2.83 56.07 29.02
C ASN B 117 -2.88 57.12 30.11
N PHE B 118 -3.45 56.74 31.25
CA PHE B 118 -3.50 57.64 32.40
C PHE B 118 -2.25 57.38 33.22
N SER B 119 -1.66 58.48 33.70
CA SER B 119 -0.44 58.46 34.51
C SER B 119 -0.77 58.13 35.97
N LYS B 120 0.26 57.85 36.78
CA LYS B 120 0.00 57.53 38.18
C LYS B 120 -0.70 58.70 38.93
N GLU B 121 -0.17 59.91 38.80
CA GLU B 121 -0.72 61.13 39.44
C GLU B 121 -2.23 61.33 39.20
N GLU B 122 -2.67 61.00 37.99
CA GLU B 122 -4.08 61.13 37.63
C GLU B 122 -4.86 59.92 38.12
N ILE B 123 -4.28 58.73 38.00
CA ILE B 123 -5.00 57.56 38.46
C ILE B 123 -5.20 57.69 39.95
N LYS B 124 -4.26 58.36 40.61
CA LYS B 124 -4.38 58.58 42.05
C LYS B 124 -5.58 59.47 42.27
N ASN B 125 -5.41 60.78 42.06
CA ASN B 125 -6.50 61.74 42.22
C ASN B 125 -7.82 61.12 41.89
N VAL B 126 -7.78 60.27 40.90
CA VAL B 126 -8.95 59.59 40.45
C VAL B 126 -9.63 58.73 41.51
N TRP B 127 -8.96 58.49 42.63
CA TRP B 127 -9.55 57.66 43.68
C TRP B 127 -9.98 58.46 44.88
N LYS B 128 -9.23 59.52 45.15
CA LYS B 128 -9.51 60.38 46.26
C LYS B 128 -11.00 60.67 46.30
N ASP B 129 -11.55 61.20 45.20
CA ASP B 129 -12.97 61.53 45.19
C ASP B 129 -13.89 60.41 44.64
N ALA B 130 -13.28 59.39 44.02
CA ALA B 130 -13.94 58.22 43.36
C ALA B 130 -15.09 57.36 43.97
N PRO B 131 -16.19 57.14 43.22
CA PRO B 131 -17.24 56.31 43.81
C PRO B 131 -16.89 54.82 43.97
N LEU B 132 -15.73 54.52 44.56
CA LEU B 132 -15.27 53.14 44.73
C LEU B 132 -15.49 52.51 46.11
N LYS B 133 -16.72 52.10 46.42
CA LYS B 133 -17.00 51.48 47.71
C LYS B 133 -17.15 49.96 47.50
N ASN B 134 -16.58 49.18 48.41
CA ASN B 134 -16.58 47.71 48.25
C ASN B 134 -15.72 47.62 46.96
N LYS B 135 -15.04 46.52 46.63
CA LYS B 135 -14.18 46.67 45.44
C LYS B 135 -14.70 46.64 43.98
N GLN B 136 -15.67 47.50 43.68
CA GLN B 136 -16.28 47.69 42.35
C GLN B 136 -16.34 49.21 42.06
N PHE B 137 -17.16 49.68 41.13
CA PHE B 137 -17.15 51.13 40.85
C PHE B 137 -18.38 51.76 40.15
N ASN B 138 -19.27 52.36 40.93
CA ASN B 138 -20.49 52.95 40.35
C ASN B 138 -20.26 54.02 39.28
N TYR B 139 -20.26 53.57 38.02
CA TYR B 139 -20.02 54.49 36.91
C TYR B 139 -21.08 55.58 36.73
N ASN B 140 -22.34 55.29 37.05
CA ASN B 140 -23.38 56.31 36.93
C ASN B 140 -23.19 57.40 37.99
N LYS B 141 -21.95 57.62 38.46
CA LYS B 141 -21.77 58.68 39.44
C LYS B 141 -20.63 59.61 39.07
N MET B 142 -19.48 59.08 38.69
CA MET B 142 -18.41 59.99 38.29
C MET B 142 -18.97 60.73 37.13
N VAL B 143 -20.09 60.19 36.70
CA VAL B 143 -20.88 60.79 35.66
C VAL B 143 -21.71 61.78 36.45
N ASP B 144 -22.43 61.32 37.46
CA ASP B 144 -23.22 62.25 38.24
C ASP B 144 -22.31 63.33 38.85
N ILE B 145 -21.06 62.95 39.11
CA ILE B 145 -20.02 63.84 39.63
C ILE B 145 -19.38 64.51 38.41
N LYS B 146 -20.06 64.35 37.27
CA LYS B 146 -19.68 64.94 35.97
C LYS B 146 -19.73 66.42 36.15
N GLY B 147 -20.96 66.87 36.35
CA GLY B 147 -21.26 68.26 36.61
C GLY B 147 -21.32 68.23 38.12
N LYS B 148 -22.34 67.55 38.65
CA LYS B 148 -22.49 67.37 40.10
C LYS B 148 -23.89 66.93 40.54
N ALA B 149 -23.92 66.18 41.64
CA ALA B 149 -25.18 65.69 42.20
C ALA B 149 -25.04 65.13 43.61
N GLU B 150 -24.35 64.00 43.83
CA GLU B 150 -24.26 63.53 45.22
C GLU B 150 -23.28 62.47 45.78
N ASP B 151 -23.25 62.46 47.11
CA ASP B 151 -22.42 61.63 48.00
C ASP B 151 -22.72 60.12 48.14
N SER C 1 5.56 51.89 0.23
CA SER C 1 6.29 51.89 -1.05
C SER C 1 5.38 52.12 -2.28
N GLN C 2 4.96 51.06 -2.97
CA GLN C 2 4.10 51.21 -4.14
C GLN C 2 2.62 51.22 -3.78
N LEU C 3 2.32 51.34 -2.48
CA LEU C 3 0.94 51.38 -2.06
C LEU C 3 0.39 52.76 -2.45
N THR C 4 -0.91 52.96 -2.23
CA THR C 4 -1.62 54.19 -2.58
C THR C 4 -1.83 55.13 -1.42
N LYS C 5 -2.49 56.25 -1.65
CA LYS C 5 -2.77 57.13 -0.56
C LYS C 5 -3.97 56.59 0.20
N ASP C 6 -4.91 55.98 -0.51
CA ASP C 6 -6.09 55.39 0.14
C ASP C 6 -5.70 54.25 1.06
N GLU C 7 -4.96 53.29 0.51
CA GLU C 7 -4.51 52.12 1.27
C GLU C 7 -3.80 52.63 2.50
N ILE C 8 -2.74 53.43 2.30
CA ILE C 8 -2.02 53.93 3.47
C ILE C 8 -3.06 54.39 4.50
N GLU C 9 -3.97 55.28 4.05
CA GLU C 9 -5.05 55.84 4.86
C GLU C 9 -5.77 54.67 5.59
N GLU C 10 -6.13 53.64 4.82
CA GLU C 10 -6.84 52.42 5.25
C GLU C 10 -5.99 51.65 6.28
N VAL C 11 -4.67 51.69 6.14
CA VAL C 11 -3.81 50.99 7.08
C VAL C 11 -3.83 51.73 8.43
N ARG C 12 -3.51 53.03 8.45
CA ARG C 12 -3.59 53.76 9.71
C ARG C 12 -4.92 53.46 10.39
N GLU C 13 -6.03 53.77 9.71
CA GLU C 13 -7.38 53.56 10.26
C GLU C 13 -7.40 52.37 11.22
N VAL C 14 -6.56 51.38 10.95
CA VAL C 14 -6.53 50.18 11.77
C VAL C 14 -5.37 50.11 12.73
N PHE C 15 -4.25 50.64 12.27
CA PHE C 15 -3.07 50.68 13.08
C PHE C 15 -3.47 51.36 14.38
N ASP C 16 -3.74 52.65 14.28
CA ASP C 16 -4.13 53.44 15.44
C ASP C 16 -5.13 52.73 16.34
N LEU C 17 -6.02 51.94 15.75
CA LEU C 17 -6.93 51.24 16.63
C LEU C 17 -6.05 50.33 17.46
N PHE C 18 -5.08 49.70 16.80
CA PHE C 18 -4.17 48.78 17.48
C PHE C 18 -3.26 49.45 18.48
N ASP C 19 -2.88 50.69 18.17
CA ASP C 19 -2.04 51.53 19.01
C ASP C 19 -2.87 51.92 20.21
N PHE C 20 -4.09 52.36 19.94
CA PHE C 20 -4.96 52.76 21.02
C PHE C 20 -5.01 51.72 22.13
N TRP C 21 -4.95 50.42 21.83
CA TRP C 21 -5.01 49.54 23.00
C TRP C 21 -3.75 49.05 23.66
N ASP C 22 -2.59 49.32 23.10
CA ASP C 22 -1.40 48.93 23.83
C ASP C 22 -0.99 50.25 24.47
N GLY C 23 -1.88 51.23 24.28
CA GLY C 23 -1.69 52.57 24.81
C GLY C 23 -1.16 53.48 23.72
N ARG C 24 -2.00 54.35 23.17
CA ARG C 24 -1.53 55.25 22.13
C ARG C 24 -0.13 55.76 22.43
N ASP C 25 0.73 55.61 21.43
CA ASP C 25 2.14 56.00 21.50
C ASP C 25 2.77 55.80 20.11
N GLY C 26 2.00 55.24 19.18
CA GLY C 26 2.50 55.04 17.82
C GLY C 26 3.35 53.81 17.52
N ASP C 27 3.19 52.73 18.28
CA ASP C 27 3.95 51.52 18.02
C ASP C 27 3.08 50.35 18.37
N VAL C 28 3.19 49.29 17.59
CA VAL C 28 2.41 48.11 17.86
C VAL C 28 3.32 46.92 17.94
N ASP C 29 2.94 46.06 18.85
CA ASP C 29 3.64 44.86 19.17
C ASP C 29 3.64 43.84 18.05
N ALA C 30 4.81 43.34 17.66
CA ALA C 30 4.82 42.35 16.61
C ALA C 30 3.78 41.18 16.69
N ALA C 31 3.52 40.54 17.83
CA ALA C 31 2.53 39.45 17.79
C ALA C 31 1.22 40.00 17.23
N LYS C 32 1.07 41.31 17.29
CA LYS C 32 -0.16 41.85 16.76
C LYS C 32 -0.24 41.69 15.24
N VAL C 33 0.87 41.91 14.51
CA VAL C 33 0.84 41.79 13.03
C VAL C 33 -0.19 40.81 12.48
N GLY C 34 -0.21 39.59 12.99
CA GLY C 34 -1.19 38.65 12.51
C GLY C 34 -2.53 39.35 12.45
N ASP C 35 -3.16 39.52 13.62
CA ASP C 35 -4.47 40.17 13.73
C ASP C 35 -4.67 41.53 13.05
N LEU C 36 -3.59 42.31 12.94
CA LEU C 36 -3.70 43.61 12.33
C LEU C 36 -4.00 43.43 10.84
N LEU C 37 -3.57 42.31 10.27
CA LEU C 37 -3.84 42.07 8.85
C LEU C 37 -5.26 41.53 8.68
N ARG C 38 -5.66 40.55 9.49
CA ARG C 38 -7.00 40.03 9.34
C ARG C 38 -8.03 41.19 9.35
N CYS C 39 -7.69 42.35 9.93
CA CYS C 39 -8.63 43.47 9.99
C CYS C 39 -8.55 44.44 8.83
N LEU C 40 -7.47 44.30 8.06
CA LEU C 40 -7.28 45.11 6.89
C LEU C 40 -7.77 44.08 5.89
N GLY C 41 -8.71 43.25 6.36
CA GLY C 41 -9.32 42.21 5.53
C GLY C 41 -8.63 40.90 5.12
N MET C 42 -7.29 40.80 5.13
CA MET C 42 -6.64 39.56 4.67
C MET C 42 -6.91 38.25 5.46
N ASN C 43 -6.15 37.19 5.18
CA ASN C 43 -6.31 35.90 5.88
C ASN C 43 -5.04 35.06 5.95
N PRO C 44 -3.89 35.69 6.25
CA PRO C 44 -2.63 34.98 6.34
C PRO C 44 -2.75 33.78 7.25
N THR C 45 -1.74 32.94 7.20
CA THR C 45 -1.67 31.73 7.98
C THR C 45 -0.60 32.15 8.94
N GLU C 46 -0.46 31.47 10.07
CA GLU C 46 0.59 31.90 10.94
C GLU C 46 1.91 31.85 10.13
N ALA C 47 2.22 30.72 9.48
CA ALA C 47 3.45 30.60 8.66
C ALA C 47 3.74 31.87 7.84
N GLN C 48 2.71 32.38 7.16
CA GLN C 48 2.83 33.59 6.35
C GLN C 48 3.22 34.81 7.19
N VAL C 49 2.66 34.92 8.40
CA VAL C 49 2.94 36.03 9.33
C VAL C 49 4.38 35.99 9.86
N HIS C 50 4.70 34.84 10.47
CA HIS C 50 6.02 34.57 11.04
C HIS C 50 7.08 35.11 10.14
N GLN C 51 7.16 34.45 8.99
CA GLN C 51 8.10 34.81 7.97
C GLN C 51 8.03 36.31 7.64
N HIS C 52 6.82 36.87 7.58
CA HIS C 52 6.67 38.28 7.22
C HIS C 52 6.93 39.46 8.19
N GLY C 53 6.98 39.21 9.49
CA GLY C 53 7.25 40.27 10.45
C GLY C 53 6.68 39.85 11.78
N GLY C 54 5.72 38.95 11.69
CA GLY C 54 5.13 38.43 12.90
C GLY C 54 6.22 37.86 13.76
N THR C 55 5.89 37.76 15.04
CA THR C 55 6.74 37.21 16.06
C THR C 55 5.73 36.38 16.81
N LYS C 56 6.20 35.56 17.75
CA LYS C 56 5.28 34.70 18.48
C LYS C 56 5.14 35.02 19.96
N LYS C 57 5.66 36.16 20.36
CA LYS C 57 5.43 36.55 21.74
C LYS C 57 5.49 38.03 21.97
N MET C 58 4.47 38.46 22.70
CA MET C 58 4.21 39.84 22.99
C MET C 58 5.27 40.82 23.49
N GLY C 59 6.49 40.41 23.82
CA GLY C 59 7.44 41.42 24.26
C GLY C 59 8.60 41.45 23.29
N GLU C 60 8.41 40.79 22.16
CA GLU C 60 9.47 40.66 21.18
C GLU C 60 9.96 41.90 20.44
N LYS C 61 9.07 42.79 20.04
CA LYS C 61 9.45 44.05 19.37
C LYS C 61 8.20 44.68 18.74
N ALA C 62 8.14 46.00 18.75
CA ALA C 62 6.98 46.71 18.21
C ALA C 62 7.31 47.41 16.90
N TYR C 63 6.38 47.40 15.97
CA TYR C 63 6.62 48.08 14.71
C TYR C 63 5.96 49.45 14.72
N LYS C 64 6.42 50.34 13.84
CA LYS C 64 5.84 51.65 13.73
C LYS C 64 4.79 51.49 12.65
N LEU C 65 4.47 52.59 11.97
CA LEU C 65 3.49 52.53 10.90
C LEU C 65 4.18 52.29 9.56
N GLU C 66 5.12 53.18 9.23
CA GLU C 66 5.86 53.13 8.00
C GLU C 66 6.60 51.78 7.97
N GLU C 67 6.38 50.98 9.02
CA GLU C 67 6.99 49.66 9.18
C GLU C 67 6.02 48.54 8.84
N ILE C 68 4.74 48.86 8.84
CA ILE C 68 3.71 47.86 8.56
C ILE C 68 3.30 47.95 7.10
N LEU C 69 3.37 49.16 6.55
CA LEU C 69 3.04 49.40 5.17
C LEU C 69 3.73 48.33 4.32
N PRO C 70 5.06 48.26 4.40
CA PRO C 70 5.76 47.24 3.61
C PRO C 70 5.33 45.84 4.03
N ILE C 71 5.04 45.64 5.31
CA ILE C 71 4.61 44.31 5.71
C ILE C 71 3.27 44.07 5.03
N TYR C 72 2.49 45.12 4.87
CA TYR C 72 1.18 45.02 4.21
C TYR C 72 1.37 44.82 2.72
N GLU C 73 2.14 45.73 2.13
CA GLU C 73 2.41 45.70 0.72
C GLU C 73 2.83 44.26 0.40
N GLU C 74 4.10 43.91 0.61
CA GLU C 74 4.58 42.55 0.34
C GLU C 74 3.56 41.42 0.56
N MET C 75 2.52 41.63 1.34
CA MET C 75 1.54 40.56 1.58
C MET C 75 0.20 40.58 0.86
N SER C 76 -0.11 41.74 0.28
CA SER C 76 -1.36 41.91 -0.46
C SER C 76 -1.03 41.41 -1.86
N SER C 77 0.21 40.93 -1.99
CA SER C 77 0.72 40.42 -3.25
C SER C 77 0.64 38.92 -3.44
N LYS C 78 0.93 38.15 -2.38
CA LYS C 78 0.84 36.71 -2.53
C LYS C 78 -0.60 36.50 -2.99
N ASP C 79 -0.84 35.56 -3.89
CA ASP C 79 -2.20 35.37 -4.33
C ASP C 79 -2.81 33.95 -4.10
N THR C 80 -2.08 33.06 -3.43
CA THR C 80 -2.63 31.72 -3.13
C THR C 80 -3.61 31.87 -1.97
N GLY C 81 -3.93 33.14 -1.68
CA GLY C 81 -4.85 33.52 -0.62
C GLY C 81 -5.89 32.49 -0.22
N THR C 82 -6.06 31.48 -1.07
CA THR C 82 -7.00 30.40 -0.87
C THR C 82 -8.34 30.62 -1.50
N ALA C 83 -8.69 29.77 -2.44
CA ALA C 83 -9.96 29.88 -3.13
C ALA C 83 -11.06 28.90 -2.77
N ALA C 84 -12.31 29.32 -2.99
CA ALA C 84 -13.51 28.51 -2.70
C ALA C 84 -13.43 27.14 -3.35
N ASP C 85 -12.58 27.06 -4.35
CA ASP C 85 -12.34 25.88 -5.16
C ASP C 85 -11.44 24.91 -4.43
N GLU C 86 -10.36 25.44 -3.89
CA GLU C 86 -9.42 24.62 -3.15
C GLU C 86 -10.03 24.07 -1.88
N PHE C 87 -10.67 24.91 -1.07
CA PHE C 87 -11.30 24.38 0.14
C PHE C 87 -12.19 23.24 -0.23
N MET C 88 -13.08 23.52 -1.18
CA MET C 88 -14.03 22.52 -1.59
C MET C 88 -13.36 21.26 -2.15
N GLU C 89 -12.17 21.37 -2.77
CA GLU C 89 -11.50 20.16 -3.27
C GLU C 89 -11.03 19.34 -2.07
N ALA C 90 -10.43 20.04 -1.11
CA ALA C 90 -9.92 19.44 0.14
C ALA C 90 -11.00 18.70 0.94
N PHE C 91 -12.15 19.30 1.14
CA PHE C 91 -13.17 18.58 1.89
C PHE C 91 -13.71 17.36 1.22
N LYS C 92 -13.45 17.16 -0.06
CA LYS C 92 -13.98 15.96 -0.69
C LYS C 92 -13.13 14.83 -0.11
N THR C 93 -11.85 15.13 0.08
CA THR C 93 -10.88 14.21 0.63
C THR C 93 -11.33 13.79 2.03
N PHE C 94 -12.53 14.18 2.44
CA PHE C 94 -13.05 13.79 3.74
C PHE C 94 -14.50 13.41 3.52
N ASP C 95 -15.04 13.79 2.37
CA ASP C 95 -16.41 13.43 2.09
C ASP C 95 -16.41 11.94 1.82
N ARG C 96 -16.75 11.15 2.83
CA ARG C 96 -16.73 9.72 2.65
C ARG C 96 -17.49 9.23 1.42
N GLU C 97 -18.76 9.61 1.31
CA GLU C 97 -19.58 9.19 0.18
C GLU C 97 -19.40 10.16 -0.98
N GLY C 98 -20.31 11.11 -1.09
CA GLY C 98 -20.25 12.12 -2.13
C GLY C 98 -21.37 13.12 -1.93
N GLN C 99 -22.27 12.78 -1.01
CA GLN C 99 -23.43 13.60 -0.70
C GLN C 99 -23.17 14.95 -0.05
N GLY C 100 -21.92 15.37 0.01
CA GLY C 100 -21.61 16.66 0.60
C GLY C 100 -21.62 16.77 2.12
N LEU C 101 -22.14 15.75 2.79
CA LEU C 101 -22.21 15.74 4.25
C LEU C 101 -20.86 15.31 4.83
N ILE C 102 -20.64 15.63 6.11
CA ILE C 102 -19.41 15.21 6.80
C ILE C 102 -19.46 15.22 8.31
N SER C 103 -19.46 14.01 8.84
CA SER C 103 -19.44 13.73 10.27
C SER C 103 -18.97 14.97 11.08
N SER C 104 -19.79 15.35 12.06
CA SER C 104 -19.54 16.51 12.94
C SER C 104 -18.22 16.49 13.70
N ALA C 105 -17.88 15.33 14.27
CA ALA C 105 -16.63 15.19 14.98
C ALA C 105 -15.57 15.54 13.95
N GLU C 106 -15.32 14.61 13.03
CA GLU C 106 -14.33 14.78 11.96
C GLU C 106 -14.04 16.18 11.47
N ILE C 107 -15.07 16.98 11.21
CA ILE C 107 -14.77 18.31 10.77
C ILE C 107 -14.16 18.95 12.00
N ARG C 108 -14.75 18.72 13.18
CA ARG C 108 -14.14 19.31 14.36
C ARG C 108 -12.73 18.81 14.63
N ASN C 109 -12.38 17.61 14.19
CA ASN C 109 -11.00 17.18 14.38
C ASN C 109 -10.09 17.81 13.32
N VAL C 110 -10.45 17.75 12.04
CA VAL C 110 -9.57 18.35 11.04
C VAL C 110 -9.08 19.70 11.52
N LEU C 111 -10.06 20.51 11.89
CA LEU C 111 -9.86 21.88 12.38
C LEU C 111 -9.04 22.00 13.65
N LYS C 112 -9.18 20.99 14.51
CA LYS C 112 -8.46 20.98 15.78
C LYS C 112 -7.15 20.21 15.72
N MET C 113 -7.14 19.04 15.09
CA MET C 113 -5.89 18.29 14.99
C MET C 113 -4.93 18.79 13.84
N LEU C 114 -5.33 18.75 12.56
CA LEU C 114 -4.45 19.17 11.41
C LEU C 114 -4.20 20.60 10.89
N GLY C 115 -3.27 20.71 9.96
CA GLY C 115 -2.90 21.99 9.37
C GLY C 115 -2.47 22.91 10.48
N GLU C 116 -2.74 24.21 10.34
CA GLU C 116 -2.38 25.15 11.40
C GLU C 116 -3.49 25.17 12.46
N ARG C 117 -3.50 24.11 13.27
CA ARG C 117 -4.48 23.86 14.33
C ARG C 117 -5.18 25.00 15.08
N ILE C 118 -6.45 24.76 15.40
CA ILE C 118 -7.36 25.70 16.07
C ILE C 118 -7.97 25.23 17.44
N THR C 119 -7.86 26.10 18.45
CA THR C 119 -8.38 25.94 19.83
C THR C 119 -9.85 25.44 19.96
N GLU C 120 -10.18 24.55 20.91
CA GLU C 120 -11.58 24.08 21.04
C GLU C 120 -12.52 25.29 21.11
N ASP C 121 -11.92 26.48 21.28
CA ASP C 121 -12.65 27.74 21.33
C ASP C 121 -12.99 28.18 19.92
N GLN C 122 -12.02 28.78 19.25
CA GLN C 122 -12.20 29.25 17.89
C GLN C 122 -12.99 28.23 17.12
N CYS C 123 -12.68 26.98 17.39
CA CYS C 123 -13.35 25.91 16.73
C CYS C 123 -14.86 25.87 17.04
N ASN C 124 -15.26 26.16 18.28
CA ASN C 124 -16.69 26.16 18.65
C ASN C 124 -17.32 27.53 18.41
N ASP C 125 -16.51 28.57 18.51
CA ASP C 125 -17.03 29.89 18.30
C ASP C 125 -17.60 29.94 16.93
N ILE C 126 -16.72 29.75 15.96
CA ILE C 126 -17.13 29.82 14.57
C ILE C 126 -18.26 28.91 14.14
N PHE C 127 -18.38 27.75 14.75
CA PHE C 127 -19.47 26.91 14.36
C PHE C 127 -20.70 27.58 14.87
N THR C 128 -20.51 28.50 15.79
CA THR C 128 -21.66 29.16 16.37
C THR C 128 -22.07 30.45 15.66
N PHE C 129 -21.09 31.28 15.33
CA PHE C 129 -21.40 32.53 14.65
C PHE C 129 -21.66 32.26 13.19
N CYS C 130 -21.83 31.00 12.84
CA CYS C 130 -22.11 30.66 11.45
C CYS C 130 -23.31 29.73 11.43
N ASP C 131 -23.90 29.50 12.60
CA ASP C 131 -25.02 28.58 12.78
C ASP C 131 -24.79 27.43 11.85
N ILE C 132 -23.98 26.50 12.30
CA ILE C 132 -23.75 25.36 11.45
C ILE C 132 -24.32 24.23 12.24
N ARG C 133 -25.43 23.70 11.76
CA ARG C 133 -26.08 22.64 12.49
C ARG C 133 -25.77 21.28 11.97
N GLU C 134 -25.99 20.31 12.85
CA GLU C 134 -25.77 18.95 12.45
C GLU C 134 -27.03 18.64 11.67
N ASP C 135 -27.43 17.38 11.70
CA ASP C 135 -28.64 16.91 11.04
C ASP C 135 -28.79 15.58 11.73
N ILE C 136 -29.98 15.00 11.69
CA ILE C 136 -30.20 13.71 12.38
C ILE C 136 -28.94 12.86 12.53
N ASP C 137 -28.36 12.45 11.40
CA ASP C 137 -27.16 11.61 11.38
C ASP C 137 -25.91 12.36 11.89
N GLY C 138 -26.11 13.56 12.44
CA GLY C 138 -25.02 14.36 12.98
C GLY C 138 -23.87 14.68 12.04
N ASN C 139 -24.19 15.23 10.88
CA ASN C 139 -23.15 15.59 9.93
C ASN C 139 -23.30 17.02 9.49
N ILE C 140 -22.30 17.52 8.79
CA ILE C 140 -22.36 18.89 8.39
C ILE C 140 -22.10 19.13 6.94
N LYS C 141 -22.81 20.09 6.39
CA LYS C 141 -22.62 20.46 5.01
C LYS C 141 -21.37 21.33 5.01
N TYR C 142 -20.30 20.85 4.39
CA TYR C 142 -19.10 21.66 4.35
C TYR C 142 -19.23 22.90 3.49
N GLU C 143 -20.21 22.91 2.57
CA GLU C 143 -20.41 24.08 1.72
C GLU C 143 -21.09 25.19 2.55
N ASP C 144 -22.07 24.82 3.40
CA ASP C 144 -22.77 25.75 4.28
C ASP C 144 -21.65 26.42 5.08
N LEU C 145 -20.77 25.63 5.70
CA LEU C 145 -19.70 26.25 6.45
C LEU C 145 -18.77 27.12 5.63
N MET C 146 -18.37 26.65 4.44
CA MET C 146 -17.45 27.43 3.65
C MET C 146 -17.97 28.79 3.18
N LYS C 147 -19.22 28.82 2.73
CA LYS C 147 -19.83 30.05 2.24
C LYS C 147 -19.80 31.06 3.39
N LYS C 148 -20.42 30.67 4.51
CA LYS C 148 -20.45 31.55 5.66
C LYS C 148 -19.05 31.93 6.05
N VAL C 149 -18.22 30.97 6.43
CA VAL C 149 -16.89 31.37 6.82
C VAL C 149 -16.35 32.45 5.89
N MET C 150 -16.36 32.24 4.59
CA MET C 150 -15.79 33.30 3.75
C MET C 150 -16.67 34.55 3.57
N ALA C 151 -17.94 34.51 3.98
CA ALA C 151 -18.84 35.68 3.83
C ALA C 151 -18.28 36.83 4.62
N GLY C 152 -18.21 36.52 5.89
CA GLY C 152 -17.75 37.47 6.87
C GLY C 152 -18.72 37.25 8.00
N PRO C 153 -18.66 38.11 9.01
CA PRO C 153 -19.50 38.07 10.19
C PRO C 153 -20.58 39.13 10.07
N PHE C 154 -20.32 40.07 9.18
CA PHE C 154 -21.19 41.19 8.88
C PHE C 154 -21.23 41.22 7.34
N PRO C 155 -22.14 40.42 6.76
CA PRO C 155 -22.48 40.16 5.34
C PRO C 155 -23.22 41.24 4.54
N ASP C 156 -24.52 41.39 4.78
CA ASP C 156 -25.32 42.40 4.06
C ASP C 156 -24.73 43.72 4.65
N LYS C 157 -25.43 44.76 5.10
CA LYS C 157 -24.54 45.82 5.62
C LYS C 157 -24.28 45.93 7.10
N SER C 158 -25.25 45.56 7.93
CA SER C 158 -25.05 45.61 9.38
C SER C 158 -24.64 44.19 9.76
N ASP C 159 -25.04 43.71 10.93
CA ASP C 159 -24.70 42.34 11.31
C ASP C 159 -25.86 41.37 11.16
#